data_6XDM
#
_entry.id   6XDM
#
_cell.length_a   92.255
_cell.length_b   99.495
_cell.length_c   139.850
_cell.angle_alpha   90.000
_cell.angle_beta   90.000
_cell.angle_gamma   90.000
#
_symmetry.space_group_name_H-M   'P 21 21 21'
#
loop_
_entity.id
_entity.type
_entity.pdbx_description
1 polymer 'Histone deacetylase 2'
2 non-polymer 'ZINC ION'
3 non-polymer 'CALCIUM ION'
4 non-polymer 'SULFATE ION'
5 non-polymer DI(HYDROXYETHYL)ETHER
6 non-polymer N-[(1S)-1-[4-(2-fluorophenyl)-1H-imidazol-2-yl]-7,7-dihydroxy-7-(1,2-oxazol-3-yl)heptyl]-1-methylazetidine-3-carboxamide
7 water water
#
_entity_poly.entity_id   1
_entity_poly.type   'polypeptide(L)'
_entity_poly.pdbx_seq_one_letter_code
;MAYSQGGGKKKVCYYYDGDIGNYYYGQGHPMKPHRIRMTHNLLLNYGLYRKMEIYRPHKATAEEMTKYHSDEYIKFLRSI
RPDNMSEYSKQMQRFNVGEDCPVFDGLFEFCQLSTGGSVAGAVKLNRQQTDMAVNWAGGLHHAKKSEASGFCYVNDIVLA
ILELLKYHQRVLYIDIDIHHGDGVEEAFYTTDRVMTVSFHKYGEYFPGTGDLRDIGAGKGKYYAVNFPMRDGIDDESYGQ
IFKPIISKVMEMYQPSAVVLQCGADSLSGDRLGCFNLTVKGHAKCVEVVKTFNLPLLMLGGGGYTIRNVARCWTYETAVA
LDCEIPNELPYNDYFEYFGPDFKLHISPSNMTNQNTPEYMEKIKQRLFENLRMLPH
;
_entity_poly.pdbx_strand_id   A,B,C
#
loop_
_chem_comp.id
_chem_comp.type
_chem_comp.name
_chem_comp.formula
CA non-polymer 'CALCIUM ION' 'Ca 2'
PEG non-polymer DI(HYDROXYETHYL)ETHER 'C4 H10 O3'
SO4 non-polymer 'SULFATE ION' 'O4 S -2'
V1D non-polymer N-[(1S)-1-[4-(2-fluorophenyl)-1H-imidazol-2-yl]-7,7-dihydroxy-7-(1,2-oxazol-3-yl)heptyl]-1-methylazetidine-3-carboxamide 'C24 H30 F N5 O4'
ZN non-polymer 'ZINC ION' 'Zn 2'
#
# COMPACT_ATOMS: atom_id res chain seq x y z
N GLY A 8 29.51 6.69 24.30
CA GLY A 8 29.09 6.19 25.60
C GLY A 8 28.02 7.03 26.24
N LYS A 9 28.15 7.32 27.54
CA LYS A 9 27.20 8.14 28.29
C LYS A 9 27.43 9.61 27.99
N LYS A 10 26.35 10.37 27.95
CA LYS A 10 26.41 11.78 27.59
C LYS A 10 26.09 12.78 28.71
N LYS A 11 26.61 13.99 28.56
CA LYS A 11 26.35 15.07 29.50
C LYS A 11 24.96 15.62 29.12
N VAL A 12 24.07 15.79 30.10
CA VAL A 12 22.72 16.29 29.83
C VAL A 12 22.47 17.57 30.60
N CYS A 13 22.00 18.63 29.92
CA CYS A 13 21.63 19.91 30.52
C CYS A 13 20.12 20.00 30.43
N TYR A 14 19.46 20.36 31.51
CA TYR A 14 18.00 20.37 31.59
C TYR A 14 17.53 21.74 31.98
N TYR A 15 16.53 22.28 31.24
CA TYR A 15 16.02 23.63 31.43
C TYR A 15 14.65 23.60 32.03
N TYR A 16 14.45 24.33 33.13
CA TYR A 16 13.17 24.36 33.80
C TYR A 16 13.02 25.59 34.66
N ASP A 17 11.84 26.22 34.62
CA ASP A 17 11.53 27.35 35.50
C ASP A 17 10.34 26.90 36.34
N GLY A 18 10.50 26.95 37.68
CA GLY A 18 9.47 26.57 38.65
C GLY A 18 8.15 27.28 38.53
N ASP A 19 8.10 28.42 37.81
CA ASP A 19 6.85 29.14 37.59
C ASP A 19 6.03 28.55 36.45
N ILE A 20 6.64 27.76 35.56
CA ILE A 20 5.95 27.27 34.37
C ILE A 20 4.62 26.55 34.66
N GLY A 21 4.55 25.79 35.74
CA GLY A 21 3.34 25.03 36.05
C GLY A 21 2.15 25.87 36.48
N ASN A 22 2.38 27.17 36.76
CA ASN A 22 1.28 28.05 37.20
C ASN A 22 0.51 28.72 36.06
N TYR A 23 1.01 28.62 34.81
CA TYR A 23 0.29 29.23 33.68
C TYR A 23 -0.94 28.39 33.39
N TYR A 24 -2.09 29.05 33.17
CA TYR A 24 -3.35 28.32 33.00
C TYR A 24 -4.07 28.79 31.76
N TYR A 25 -4.31 27.86 30.81
CA TYR A 25 -4.98 28.21 29.57
C TYR A 25 -6.48 28.49 29.75
N GLY A 26 -7.06 28.10 30.88
CA GLY A 26 -8.48 28.33 31.11
C GLY A 26 -9.29 27.07 31.28
N GLN A 27 -10.47 27.21 31.88
CA GLN A 27 -11.38 26.10 32.13
C GLN A 27 -11.72 25.34 30.86
N GLY A 28 -11.53 24.04 30.89
CA GLY A 28 -11.85 23.17 29.78
C GLY A 28 -10.79 23.05 28.71
N HIS A 29 -9.72 23.87 28.79
CA HIS A 29 -8.65 23.78 27.79
C HIS A 29 -7.74 22.60 28.10
N PRO A 30 -7.50 21.70 27.12
CA PRO A 30 -6.70 20.50 27.41
C PRO A 30 -5.21 20.72 27.67
N MET A 31 -4.66 21.87 27.27
CA MET A 31 -3.24 22.14 27.49
C MET A 31 -3.01 22.57 28.92
N LYS A 32 -2.25 21.76 29.66
CA LYS A 32 -2.01 22.00 31.07
C LYS A 32 -0.53 22.12 31.39
N PRO A 33 0.00 23.34 31.50
CA PRO A 33 1.43 23.50 31.83
C PRO A 33 1.86 22.84 33.13
N HIS A 34 0.90 22.56 34.03
CA HIS A 34 1.16 21.85 35.28
C HIS A 34 1.84 20.48 35.01
N ARG A 35 1.59 19.86 33.82
CA ARG A 35 2.22 18.57 33.49
C ARG A 35 3.77 18.70 33.47
N ILE A 36 4.32 19.90 33.19
N ILE A 36 4.34 19.88 33.18
CA ILE A 36 5.77 20.14 33.19
CA ILE A 36 5.81 20.04 33.19
C ILE A 36 6.30 20.08 34.64
C ILE A 36 6.29 20.02 34.66
N ARG A 37 5.52 20.62 35.58
CA ARG A 37 5.87 20.59 37.00
C ARG A 37 5.76 19.14 37.53
N MET A 38 4.73 18.37 37.07
CA MET A 38 4.60 16.98 37.48
C MET A 38 5.82 16.19 36.98
N THR A 39 6.24 16.44 35.72
CA THR A 39 7.40 15.75 35.16
C THR A 39 8.65 16.06 36.01
N HIS A 40 8.85 17.35 36.31
CA HIS A 40 9.99 17.78 37.10
C HIS A 40 10.03 17.11 38.48
N ASN A 41 8.87 17.09 39.17
CA ASN A 41 8.81 16.52 40.50
C ASN A 41 9.04 15.01 40.48
N LEU A 42 8.54 14.33 39.42
CA LEU A 42 8.74 12.90 39.33
C LEU A 42 10.22 12.59 39.09
N LEU A 43 10.85 13.32 38.17
CA LEU A 43 12.27 13.05 37.89
C LEU A 43 13.15 13.43 39.12
N LEU A 44 12.77 14.46 39.90
CA LEU A 44 13.51 14.80 41.12
C LEU A 44 13.38 13.64 42.12
N ASN A 45 12.16 13.09 42.29
CA ASN A 45 11.95 11.99 43.23
C ASN A 45 12.60 10.66 42.79
N TYR A 46 12.90 10.52 41.49
CA TYR A 46 13.63 9.33 41.02
C TYR A 46 15.19 9.54 41.22
N GLY A 47 15.61 10.74 41.61
CA GLY A 47 17.02 11.09 41.81
C GLY A 47 17.75 11.45 40.53
N LEU A 48 17.02 11.77 39.45
CA LEU A 48 17.65 12.11 38.17
C LEU A 48 18.35 13.49 38.15
N TYR A 49 18.15 14.31 39.21
CA TYR A 49 18.83 15.61 39.33
C TYR A 49 20.32 15.44 39.65
N ARG A 50 20.71 14.34 40.29
CA ARG A 50 22.11 14.09 40.62
C ARG A 50 22.95 13.74 39.38
N LYS A 51 22.31 13.53 38.21
CA LYS A 51 23.01 13.14 37.01
C LYS A 51 23.04 14.24 35.94
N MET A 52 22.26 15.34 36.08
CA MET A 52 22.29 16.37 35.04
C MET A 52 22.46 17.79 35.59
N GLU A 53 22.86 18.71 34.71
CA GLU A 53 23.05 20.10 35.07
C GLU A 53 21.70 20.76 34.88
N ILE A 54 21.11 21.27 35.95
CA ILE A 54 19.79 21.91 35.87
C ILE A 54 19.93 23.42 35.78
N TYR A 55 19.32 24.02 34.75
CA TYR A 55 19.38 25.46 34.50
C TYR A 55 17.98 26.08 34.45
N ARG A 56 17.84 27.34 34.90
CA ARG A 56 16.59 28.09 34.84
C ARG A 56 16.76 28.98 33.63
N PRO A 57 15.95 28.79 32.57
CA PRO A 57 16.15 29.61 31.37
C PRO A 57 15.84 31.08 31.58
N HIS A 58 16.50 31.94 30.81
CA HIS A 58 16.20 33.35 30.88
C HIS A 58 14.81 33.57 30.19
N LYS A 59 14.21 34.74 30.40
CA LYS A 59 12.95 35.07 29.73
C LYS A 59 13.36 35.63 28.37
N ALA A 60 13.12 34.86 27.28
CA ALA A 60 13.50 35.31 25.92
C ALA A 60 12.88 36.67 25.60
N THR A 61 13.69 37.56 25.03
CA THR A 61 13.18 38.91 24.73
C THR A 61 12.35 38.93 23.47
N ALA A 62 11.55 40.00 23.29
CA ALA A 62 10.77 40.18 22.06
C ALA A 62 11.72 40.23 20.85
N GLU A 63 12.93 40.82 21.03
CA GLU A 63 13.92 40.87 19.97
C GLU A 63 14.40 39.47 19.58
N GLU A 64 14.60 38.56 20.56
CA GLU A 64 15.01 37.19 20.25
C GLU A 64 13.90 36.51 19.43
N MET A 65 12.64 36.73 19.81
CA MET A 65 11.52 36.11 19.12
C MET A 65 11.36 36.63 17.70
N THR A 66 11.71 37.91 17.46
CA THR A 66 11.58 38.46 16.11
C THR A 66 12.65 37.98 15.16
N LYS A 67 13.57 37.08 15.59
CA LYS A 67 14.50 36.46 14.64
C LYS A 67 13.66 35.58 13.63
N TYR A 68 12.40 35.23 14.01
CA TYR A 68 11.50 34.49 13.16
C TYR A 68 10.16 35.22 13.03
N HIS A 69 9.49 35.49 14.15
CA HIS A 69 8.17 36.09 14.14
C HIS A 69 8.16 37.55 13.71
N SER A 70 7.01 38.00 13.17
CA SER A 70 6.90 39.39 12.74
C SER A 70 6.91 40.32 13.95
N ASP A 71 7.40 41.57 13.76
CA ASP A 71 7.41 42.54 14.85
C ASP A 71 5.99 42.83 15.32
N GLU A 72 5.01 42.94 14.40
CA GLU A 72 3.63 43.21 14.79
C GLU A 72 3.02 42.11 15.63
N TYR A 73 3.33 40.85 15.29
CA TYR A 73 2.77 39.72 16.05
C TYR A 73 3.36 39.67 17.46
N ILE A 74 4.68 39.82 17.60
CA ILE A 74 5.31 39.79 18.91
C ILE A 74 4.86 40.98 19.76
N LYS A 75 4.68 42.17 19.13
CA LYS A 75 4.20 43.34 19.88
C LYS A 75 2.81 43.08 20.45
N PHE A 76 1.95 42.40 19.66
CA PHE A 76 0.60 42.03 20.06
C PHE A 76 0.67 41.05 21.25
N LEU A 77 1.49 39.99 21.16
CA LEU A 77 1.61 39.04 22.26
C LEU A 77 2.07 39.68 23.57
N ARG A 78 2.97 40.65 23.47
CA ARG A 78 3.54 41.37 24.62
C ARG A 78 2.56 42.40 25.21
N SER A 79 1.49 42.76 24.46
CA SER A 79 0.52 43.77 24.87
C SER A 79 -0.82 43.24 25.35
N ILE A 80 -1.33 42.18 24.73
CA ILE A 80 -2.65 41.65 25.05
C ILE A 80 -2.74 40.99 26.41
N ARG A 81 -3.84 41.28 27.14
CA ARG A 81 -4.13 40.73 28.46
C ARG A 81 -5.65 40.49 28.56
N PRO A 82 -6.11 39.62 29.46
CA PRO A 82 -7.57 39.42 29.59
C PRO A 82 -8.34 40.74 29.89
N ASP A 83 -7.71 41.70 30.61
CA ASP A 83 -8.37 42.97 30.96
C ASP A 83 -8.44 43.98 29.83
N ASN A 84 -7.67 43.80 28.76
CA ASN A 84 -7.69 44.73 27.64
C ASN A 84 -8.06 44.07 26.31
N MET A 85 -8.38 42.75 26.31
CA MET A 85 -8.76 41.98 25.10
C MET A 85 -9.79 42.68 24.26
N SER A 86 -10.78 43.34 24.90
CA SER A 86 -11.86 44.02 24.19
C SER A 86 -11.36 45.07 23.21
N GLU A 87 -10.19 45.65 23.46
CA GLU A 87 -9.62 46.66 22.57
C GLU A 87 -8.81 46.04 21.41
N TYR A 88 -8.63 44.71 21.38
CA TYR A 88 -7.81 44.02 20.38
C TYR A 88 -8.57 43.02 19.54
N SER A 89 -9.91 43.13 19.45
CA SER A 89 -10.71 42.17 18.67
C SER A 89 -10.21 41.98 17.22
N LYS A 90 -9.72 43.06 16.58
CA LYS A 90 -9.21 43.01 15.21
C LYS A 90 -7.91 42.19 15.13
N GLN A 91 -6.93 42.51 15.98
CA GLN A 91 -5.67 41.78 16.00
C GLN A 91 -5.84 40.33 16.44
N MET A 92 -6.81 40.04 17.32
CA MET A 92 -7.05 38.66 17.76
C MET A 92 -7.45 37.78 16.58
N GLN A 93 -8.27 38.30 15.68
CA GLN A 93 -8.69 37.55 14.50
C GLN A 93 -7.51 37.40 13.56
N ARG A 94 -6.78 38.49 13.32
CA ARG A 94 -5.63 38.52 12.45
C ARG A 94 -4.53 37.51 12.88
N PHE A 95 -4.31 37.38 14.19
CA PHE A 95 -3.25 36.50 14.72
C PHE A 95 -3.73 35.14 15.24
N ASN A 96 -5.02 34.82 15.02
CA ASN A 96 -5.63 33.56 15.43
C ASN A 96 -5.61 33.30 16.92
N VAL A 97 -5.90 34.34 17.69
CA VAL A 97 -5.98 34.22 19.14
C VAL A 97 -7.48 34.07 19.42
N GLY A 98 -7.84 32.94 20.02
CA GLY A 98 -9.23 32.60 20.28
C GLY A 98 -9.37 31.31 21.05
N GLU A 99 -10.25 30.39 20.61
CA GLU A 99 -10.48 29.15 21.34
C GLU A 99 -9.24 28.32 21.58
N ASP A 100 -8.51 27.92 20.50
CA ASP A 100 -7.34 27.09 20.68
C ASP A 100 -6.22 27.82 21.38
N CYS A 101 -6.02 29.09 21.01
CA CYS A 101 -4.93 29.88 21.57
C CYS A 101 -5.51 31.07 22.29
N PRO A 102 -6.00 30.83 23.52
CA PRO A 102 -6.65 31.92 24.26
C PRO A 102 -5.71 32.91 24.89
N VAL A 103 -6.28 34.04 25.30
CA VAL A 103 -5.52 35.06 26.01
C VAL A 103 -5.65 34.63 27.47
N PHE A 104 -4.53 34.46 28.14
CA PHE A 104 -4.53 34.10 29.54
C PHE A 104 -3.52 34.95 30.30
N ASP A 105 -3.70 35.07 31.62
CA ASP A 105 -2.78 35.86 32.45
C ASP A 105 -1.34 35.33 32.32
N GLY A 106 -0.41 36.21 32.01
CA GLY A 106 1.00 35.85 31.87
C GLY A 106 1.34 35.14 30.57
N LEU A 107 0.46 35.21 29.57
CA LEU A 107 0.70 34.56 28.26
C LEU A 107 2.12 34.86 27.71
N PHE A 108 2.51 36.14 27.68
CA PHE A 108 3.82 36.50 27.15
C PHE A 108 4.95 35.89 27.95
N GLU A 109 4.88 35.94 29.29
CA GLU A 109 5.93 35.33 30.12
C GLU A 109 6.03 33.82 29.90
N PHE A 110 4.86 33.16 29.68
CA PHE A 110 4.88 31.73 29.38
C PHE A 110 5.65 31.49 28.06
N CYS A 111 5.42 32.34 27.04
CA CYS A 111 6.14 32.21 25.77
C CYS A 111 7.64 32.45 26.00
N GLN A 112 7.98 33.44 26.82
CA GLN A 112 9.36 33.76 27.12
C GLN A 112 10.11 32.60 27.77
N LEU A 113 9.45 31.87 28.67
CA LEU A 113 10.10 30.75 29.38
C LEU A 113 10.20 29.53 28.50
N SER A 114 9.15 29.25 27.72
CA SER A 114 9.17 28.10 26.80
C SER A 114 10.28 28.32 25.75
N THR A 115 10.34 29.55 25.21
CA THR A 115 11.35 29.89 24.22
C THR A 115 12.74 29.96 24.81
N GLY A 116 12.87 30.55 26.00
CA GLY A 116 14.16 30.69 26.65
C GLY A 116 14.88 29.37 26.86
N GLY A 117 14.12 28.34 27.22
CA GLY A 117 14.72 27.02 27.43
C GLY A 117 15.28 26.44 26.14
N SER A 118 14.53 26.60 25.03
CA SER A 118 14.99 26.03 23.76
C SER A 118 16.20 26.74 23.18
N VAL A 119 16.17 28.07 23.19
N VAL A 119 16.18 28.09 23.17
CA VAL A 119 17.29 28.86 22.70
CA VAL A 119 17.31 28.85 22.65
C VAL A 119 18.51 28.66 23.58
C VAL A 119 18.53 28.72 23.58
N ALA A 120 18.33 28.66 24.92
CA ALA A 120 19.48 28.48 25.84
C ALA A 120 20.12 27.09 25.61
N GLY A 121 19.29 26.08 25.38
CA GLY A 121 19.79 24.73 25.11
C GLY A 121 20.57 24.71 23.79
N ALA A 122 20.08 25.43 22.78
CA ALA A 122 20.77 25.48 21.48
C ALA A 122 22.14 26.18 21.65
N VAL A 123 22.20 27.26 22.45
CA VAL A 123 23.48 27.97 22.69
C VAL A 123 24.48 27.01 23.36
N LYS A 124 24.02 26.25 24.36
CA LYS A 124 24.86 25.30 25.09
C LYS A 124 25.42 24.24 24.13
N LEU A 125 24.58 23.73 23.21
CA LEU A 125 25.03 22.75 22.23
C LEU A 125 26.06 23.40 21.27
N ASN A 126 25.80 24.62 20.83
CA ASN A 126 26.72 25.36 19.93
C ASN A 126 28.09 25.56 20.58
N ARG A 127 28.10 25.83 21.89
CA ARG A 127 29.37 26.01 22.60
C ARG A 127 30.07 24.69 22.91
N GLN A 128 29.50 23.53 22.51
CA GLN A 128 30.06 22.21 22.76
C GLN A 128 30.21 21.94 24.27
N GLN A 129 29.31 22.53 25.07
CA GLN A 129 29.34 22.33 26.51
C GLN A 129 28.41 21.22 27.00
N THR A 130 27.65 20.60 26.08
CA THR A 130 26.75 19.51 26.42
C THR A 130 26.49 18.67 25.20
N ASP A 131 26.18 17.41 25.43
CA ASP A 131 25.85 16.47 24.37
C ASP A 131 24.34 16.55 24.09
N MET A 132 23.54 16.72 25.15
CA MET A 132 22.09 16.80 25.04
CA MET A 132 22.10 16.82 25.03
C MET A 132 21.56 17.96 25.88
N ALA A 133 20.54 18.64 25.39
CA ALA A 133 19.90 19.72 26.12
C ALA A 133 18.40 19.37 26.11
N VAL A 134 17.72 19.50 27.26
CA VAL A 134 16.29 19.13 27.36
C VAL A 134 15.44 20.30 27.82
N ASN A 135 14.32 20.56 27.12
CA ASN A 135 13.42 21.63 27.55
C ASN A 135 12.01 21.09 27.38
N TRP A 136 11.45 20.48 28.44
CA TRP A 136 10.10 19.91 28.30
C TRP A 136 9.02 20.98 28.09
N ALA A 137 9.31 22.25 28.41
CA ALA A 137 8.35 23.33 28.20
C ALA A 137 8.29 23.83 26.74
N GLY A 138 9.21 23.37 25.89
CA GLY A 138 9.25 23.78 24.50
C GLY A 138 8.58 22.77 23.59
N GLY A 139 8.88 22.85 22.30
CA GLY A 139 8.29 21.95 21.32
C GLY A 139 6.98 22.43 20.72
N LEU A 140 6.71 23.76 20.79
CA LEU A 140 5.43 24.32 20.32
C LEU A 140 5.46 24.54 18.81
N HIS A 141 5.42 23.42 18.11
CA HIS A 141 5.63 23.30 16.68
C HIS A 141 4.61 23.92 15.74
N HIS A 142 3.40 24.35 16.22
CA HIS A 142 2.41 24.89 15.28
C HIS A 142 2.48 26.39 15.01
N ALA A 143 3.12 27.15 15.92
CA ALA A 143 3.16 28.60 15.74
C ALA A 143 3.84 29.02 14.43
N LYS A 144 3.25 30.03 13.78
CA LYS A 144 3.72 30.54 12.50
C LYS A 144 4.32 31.92 12.65
N LYS A 145 4.97 32.44 11.59
CA LYS A 145 5.59 33.76 11.62
C LYS A 145 4.70 34.85 12.22
N SER A 146 3.43 34.93 11.81
CA SER A 146 2.51 35.95 12.31
C SER A 146 1.18 35.38 12.75
N GLU A 147 1.19 34.16 13.33
CA GLU A 147 -0.06 33.54 13.72
C GLU A 147 0.14 32.48 14.78
N ALA A 148 -0.71 32.51 15.80
CA ALA A 148 -0.72 31.47 16.82
C ALA A 148 -1.55 30.32 16.22
N SER A 149 -1.31 29.08 16.66
CA SER A 149 -2.06 27.94 16.16
C SER A 149 -1.89 26.77 17.10
N GLY A 150 -2.93 25.94 17.26
CA GLY A 150 -2.84 24.70 18.02
C GLY A 150 -2.13 24.75 19.36
N PHE A 151 -2.56 25.71 20.16
CA PHE A 151 -2.10 25.95 21.54
C PHE A 151 -0.70 26.54 21.62
N CYS A 152 -0.08 26.87 20.48
CA CYS A 152 1.26 27.41 20.31
C CYS A 152 1.20 28.88 19.91
N TYR A 153 2.04 29.72 20.54
CA TYR A 153 2.07 31.14 20.21
C TYR A 153 3.40 31.54 19.61
N VAL A 154 4.52 31.11 20.25
CA VAL A 154 5.85 31.42 19.75
C VAL A 154 6.54 30.12 19.42
N ASN A 155 7.08 30.00 18.19
CA ASN A 155 7.71 28.76 17.77
C ASN A 155 9.12 28.68 18.29
N ASP A 156 9.25 28.15 19.51
CA ASP A 156 10.58 28.00 20.14
C ASP A 156 11.52 27.08 19.33
N ILE A 157 10.94 26.08 18.62
CA ILE A 157 11.73 25.14 17.83
C ILE A 157 12.42 25.87 16.69
N VAL A 158 11.66 26.71 15.93
CA VAL A 158 12.25 27.45 14.81
C VAL A 158 13.35 28.37 15.34
N LEU A 159 13.08 29.06 16.46
CA LEU A 159 14.10 29.94 17.05
C LEU A 159 15.35 29.17 17.47
N ALA A 160 15.17 27.98 18.06
CA ALA A 160 16.31 27.14 18.48
C ALA A 160 17.09 26.64 17.26
N ILE A 161 16.37 26.28 16.18
CA ILE A 161 17.05 25.81 14.96
C ILE A 161 17.84 26.95 14.32
N LEU A 162 17.27 28.18 14.28
CA LEU A 162 18.01 29.34 13.75
C LEU A 162 19.31 29.53 14.58
N GLU A 163 19.25 29.28 15.90
CA GLU A 163 20.44 29.41 16.73
C GLU A 163 21.46 28.33 16.33
N LEU A 164 21.00 27.07 16.17
CA LEU A 164 21.90 25.99 15.78
C LEU A 164 22.52 26.25 14.41
N LEU A 165 21.76 26.84 13.49
CA LEU A 165 22.28 27.14 12.13
C LEU A 165 23.46 28.13 12.13
N LYS A 166 23.72 28.80 13.25
CA LYS A 166 24.87 29.70 13.33
C LYS A 166 26.19 28.90 13.31
N TYR A 167 26.18 27.65 13.81
CA TYR A 167 27.36 26.80 13.88
C TYR A 167 27.25 25.48 13.14
N HIS A 168 26.04 25.13 12.65
CA HIS A 168 25.80 23.85 11.97
C HIS A 168 25.27 24.05 10.58
N GLN A 169 25.92 23.45 9.57
CA GLN A 169 25.47 23.62 8.19
C GLN A 169 24.14 22.95 7.97
N ARG A 170 23.94 21.76 8.53
CA ARG A 170 22.71 21.00 8.34
C ARG A 170 22.13 20.58 9.67
N VAL A 171 20.82 20.86 9.89
CA VAL A 171 20.18 20.50 11.14
C VAL A 171 18.98 19.60 10.82
N LEU A 172 18.85 18.49 11.55
CA LEU A 172 17.74 17.57 11.32
C LEU A 172 16.71 17.79 12.44
N TYR A 173 15.45 17.94 12.06
CA TYR A 173 14.35 18.09 12.99
C TYR A 173 13.46 16.83 12.87
N ILE A 174 13.19 16.14 14.00
CA ILE A 174 12.33 14.96 14.02
C ILE A 174 11.18 15.24 14.97
N ASP A 175 9.95 14.94 14.54
CA ASP A 175 8.77 15.28 15.35
C ASP A 175 7.87 14.06 15.53
N ILE A 176 7.75 13.55 16.76
CA ILE A 176 6.95 12.37 17.07
C ILE A 176 5.63 12.68 17.80
N ASP A 177 5.23 13.97 17.85
CA ASP A 177 3.92 14.39 18.35
C ASP A 177 2.88 13.72 17.42
N ILE A 178 1.66 13.47 17.90
CA ILE A 178 0.66 12.86 17.00
C ILE A 178 0.22 13.84 15.89
N HIS A 179 0.39 15.15 16.09
CA HIS A 179 0.00 16.18 15.13
C HIS A 179 1.17 16.56 14.24
N HIS A 180 0.87 16.86 12.96
CA HIS A 180 1.90 17.27 12.02
C HIS A 180 2.67 18.51 12.52
N GLY A 181 3.99 18.52 12.37
CA GLY A 181 4.79 19.67 12.78
C GLY A 181 4.79 20.74 11.69
N ASP A 182 3.61 21.33 11.44
CA ASP A 182 3.42 22.28 10.34
C ASP A 182 4.18 23.59 10.43
N GLY A 183 4.29 24.20 11.61
CA GLY A 183 5.00 25.47 11.74
C GLY A 183 6.48 25.38 11.43
N VAL A 184 7.10 24.33 11.95
CA VAL A 184 8.53 24.11 11.68
C VAL A 184 8.72 23.75 10.22
N GLU A 185 7.84 22.87 9.65
CA GLU A 185 7.99 22.48 8.25
C GLU A 185 7.86 23.72 7.35
N GLU A 186 6.88 24.56 7.63
CA GLU A 186 6.65 25.77 6.84
C GLU A 186 7.83 26.74 6.93
N ALA A 187 8.39 26.94 8.15
CA ALA A 187 9.50 27.87 8.30
C ALA A 187 10.70 27.54 7.42
N PHE A 188 10.98 26.24 7.25
CA PHE A 188 12.16 25.81 6.50
C PHE A 188 11.83 25.10 5.16
N TYR A 189 10.60 25.24 4.69
CA TYR A 189 10.16 24.52 3.50
C TYR A 189 11.00 24.72 2.25
N THR A 190 11.62 25.92 2.08
CA THR A 190 12.39 26.18 0.86
C THR A 190 13.91 26.18 1.07
N THR A 191 14.40 25.60 2.18
CA THR A 191 15.83 25.50 2.40
C THR A 191 16.27 24.05 2.59
N ASP A 192 17.53 23.78 2.21
CA ASP A 192 18.12 22.47 2.41
C ASP A 192 18.99 22.40 3.70
N ARG A 193 19.09 23.53 4.43
CA ARG A 193 19.86 23.61 5.66
C ARG A 193 19.17 22.96 6.87
N VAL A 194 17.88 22.65 6.72
CA VAL A 194 17.12 21.95 7.75
C VAL A 194 16.32 20.87 7.05
N MET A 195 16.35 19.63 7.57
CA MET A 195 15.48 18.58 7.02
C MET A 195 14.43 18.38 8.12
N THR A 196 13.14 18.43 7.79
CA THR A 196 12.09 18.22 8.79
C THR A 196 11.44 16.88 8.53
N VAL A 197 11.32 16.03 9.57
CA VAL A 197 10.74 14.70 9.45
C VAL A 197 9.63 14.58 10.48
N SER A 198 8.38 14.39 10.03
CA SER A 198 7.25 14.33 10.95
C SER A 198 6.48 13.03 10.78
N PHE A 199 6.20 12.34 11.88
CA PHE A 199 5.39 11.10 11.91
C PHE A 199 4.12 11.55 12.60
N HIS A 200 2.96 11.43 11.94
CA HIS A 200 1.74 11.94 12.55
C HIS A 200 0.48 11.29 12.01
N LYS A 201 -0.62 11.46 12.76
CA LYS A 201 -1.92 11.00 12.29
C LYS A 201 -2.33 11.94 11.15
N TYR A 202 -2.80 11.36 10.02
CA TYR A 202 -3.20 12.15 8.88
C TYR A 202 -4.55 11.65 8.39
N GLY A 203 -5.49 12.56 8.22
CA GLY A 203 -6.84 12.25 7.77
C GLY A 203 -7.89 12.68 8.78
N GLU A 204 -8.66 13.75 8.45
CA GLU A 204 -9.71 14.31 9.33
C GLU A 204 -9.12 14.59 10.73
N TYR A 205 -7.96 15.26 10.72
CA TYR A 205 -7.25 15.49 11.97
C TYR A 205 -6.44 16.77 11.86
N PHE A 206 -6.38 17.51 12.96
CA PHE A 206 -5.64 18.75 13.01
C PHE A 206 -4.13 18.52 12.81
N PRO A 207 -3.41 19.40 12.10
CA PRO A 207 -3.87 20.62 11.44
C PRO A 207 -4.31 20.43 9.98
N GLY A 208 -4.37 19.19 9.49
CA GLY A 208 -4.80 18.93 8.10
C GLY A 208 -3.73 18.86 7.06
N THR A 209 -2.50 19.13 7.46
CA THR A 209 -1.32 19.11 6.60
C THR A 209 -0.44 17.87 6.88
N GLY A 210 0.65 17.70 6.14
CA GLY A 210 1.55 16.58 6.34
C GLY A 210 1.26 15.40 5.44
N ASP A 211 0.82 15.67 4.21
CA ASP A 211 0.59 14.58 3.26
C ASP A 211 1.95 14.00 2.87
N LEU A 212 1.96 12.72 2.50
CA LEU A 212 3.11 11.99 2.00
C LEU A 212 3.79 12.78 0.84
N ARG A 213 2.97 13.45 0.03
CA ARG A 213 3.40 14.18 -1.14
C ARG A 213 3.95 15.58 -0.87
N ASP A 214 3.93 16.04 0.41
CA ASP A 214 4.49 17.34 0.74
C ASP A 214 5.96 17.05 1.04
N ILE A 215 6.85 17.37 0.09
CA ILE A 215 8.26 17.04 0.24
C ILE A 215 9.20 18.24 0.17
N GLY A 216 8.67 19.46 0.25
CA GLY A 216 9.52 20.64 0.15
C GLY A 216 9.39 21.32 -1.20
N ALA A 217 9.99 22.52 -1.34
CA ALA A 217 9.91 23.26 -2.59
C ALA A 217 11.21 24.03 -2.84
N GLY A 218 11.54 24.31 -4.11
CA GLY A 218 12.78 25.00 -4.46
C GLY A 218 14.00 24.26 -3.99
N LYS A 219 14.95 24.98 -3.34
CA LYS A 219 16.14 24.33 -2.79
C LYS A 219 15.75 23.30 -1.68
N GLY A 220 14.57 23.47 -1.08
CA GLY A 220 14.10 22.54 -0.05
C GLY A 220 13.42 21.29 -0.58
N LYS A 221 13.35 21.11 -1.92
CA LYS A 221 12.70 19.89 -2.47
C LYS A 221 13.47 18.65 -2.01
N TYR A 222 12.75 17.70 -1.40
CA TYR A 222 13.26 16.45 -0.81
C TYR A 222 13.76 16.65 0.64
N TYR A 223 13.66 17.87 1.19
CA TYR A 223 14.14 18.12 2.56
C TYR A 223 13.01 18.22 3.59
N ALA A 224 11.78 17.87 3.20
CA ALA A 224 10.64 17.77 4.12
C ALA A 224 10.15 16.33 3.92
N VAL A 225 9.96 15.61 5.03
CA VAL A 225 9.54 14.21 5.02
C VAL A 225 8.33 14.10 5.93
N ASN A 226 7.27 13.45 5.42
CA ASN A 226 6.05 13.24 6.19
C ASN A 226 5.62 11.80 6.10
N PHE A 227 5.41 11.16 7.27
CA PHE A 227 4.93 9.78 7.35
C PHE A 227 3.49 9.83 7.92
N PRO A 228 2.49 9.82 7.03
CA PRO A 228 1.09 9.87 7.50
C PRO A 228 0.62 8.53 8.03
N MET A 229 -0.04 8.54 9.19
CA MET A 229 -0.48 7.34 9.85
C MET A 229 -1.98 7.40 10.16
N ARG A 230 -2.57 6.23 10.40
CA ARG A 230 -3.98 6.08 10.77
C ARG A 230 -4.07 5.79 12.28
N ASP A 231 -5.29 5.71 12.81
CA ASP A 231 -5.46 5.44 14.23
C ASP A 231 -4.85 4.12 14.66
N GLY A 232 -4.51 4.04 15.95
CA GLY A 232 -4.08 2.82 16.59
C GLY A 232 -2.70 2.28 16.40
N ILE A 233 -1.74 3.10 15.88
CA ILE A 233 -0.38 2.60 15.72
C ILE A 233 0.21 2.13 17.07
N ASP A 234 0.88 1.01 17.07
CA ASP A 234 1.43 0.43 18.30
C ASP A 234 2.97 0.41 18.29
N ASP A 235 3.59 -0.01 19.42
CA ASP A 235 5.05 -0.03 19.54
C ASP A 235 5.74 -0.83 18.44
N GLU A 236 5.21 -2.01 18.13
CA GLU A 236 5.77 -2.90 17.11
C GLU A 236 5.80 -2.19 15.74
N SER A 237 4.68 -1.65 15.30
CA SER A 237 4.56 -0.96 14.01
C SER A 237 5.41 0.30 13.93
N TYR A 238 5.34 1.14 14.97
CA TYR A 238 6.11 2.39 14.97
C TYR A 238 7.62 2.09 14.94
N GLY A 239 8.05 1.15 15.75
CA GLY A 239 9.46 0.80 15.86
C GLY A 239 10.09 0.29 14.58
N GLN A 240 9.33 -0.49 13.80
CA GLN A 240 9.86 -1.05 12.55
C GLN A 240 9.98 -0.05 11.40
N ILE A 241 9.39 1.15 11.51
CA ILE A 241 9.57 2.17 10.47
C ILE A 241 10.46 3.31 10.95
N PHE A 242 10.44 3.61 12.27
CA PHE A 242 11.21 4.74 12.78
C PHE A 242 12.72 4.60 12.61
N LYS A 243 13.32 3.51 13.13
CA LYS A 243 14.75 3.31 12.99
C LYS A 243 15.17 3.26 11.49
N PRO A 244 14.53 2.46 10.60
CA PRO A 244 14.96 2.47 9.19
C PRO A 244 14.86 3.85 8.53
N ILE A 245 13.80 4.63 8.82
CA ILE A 245 13.69 5.96 8.22
C ILE A 245 14.76 6.92 8.75
N ILE A 246 14.90 6.98 10.07
CA ILE A 246 15.91 7.87 10.65
C ILE A 246 17.33 7.45 10.21
N SER A 247 17.60 6.13 10.11
CA SER A 247 18.92 5.67 9.65
C SER A 247 19.21 6.13 8.21
N LYS A 248 18.22 6.04 7.33
CA LYS A 248 18.39 6.48 5.94
C LYS A 248 18.55 8.00 5.85
N VAL A 249 17.79 8.76 6.66
CA VAL A 249 17.92 10.21 6.71
C VAL A 249 19.33 10.57 7.20
N MET A 250 19.82 9.92 8.27
CA MET A 250 21.17 10.21 8.78
C MET A 250 22.22 9.94 7.69
N GLU A 251 22.06 8.80 7.01
CA GLU A 251 22.99 8.40 5.95
C GLU A 251 23.05 9.41 4.81
N MET A 252 21.89 9.82 4.29
CA MET A 252 21.82 10.73 3.16
C MET A 252 22.04 12.20 3.47
N TYR A 253 21.50 12.68 4.59
CA TYR A 253 21.55 14.10 4.93
C TYR A 253 22.77 14.49 5.74
N GLN A 254 23.30 13.57 6.56
CA GLN A 254 24.48 13.79 7.39
C GLN A 254 24.40 15.10 8.20
N PRO A 255 23.36 15.22 9.04
CA PRO A 255 23.22 16.46 9.84
C PRO A 255 24.31 16.56 10.90
N SER A 256 24.60 17.77 11.36
CA SER A 256 25.58 17.92 12.45
C SER A 256 24.93 18.22 13.81
N ALA A 257 23.60 18.45 13.84
CA ALA A 257 22.87 18.67 15.08
C ALA A 257 21.43 18.17 14.82
N VAL A 258 20.75 17.74 15.89
CA VAL A 258 19.39 17.22 15.78
C VAL A 258 18.50 17.85 16.82
N VAL A 259 17.24 18.08 16.46
CA VAL A 259 16.23 18.60 17.38
C VAL A 259 15.12 17.56 17.33
N LEU A 260 14.73 17.02 18.50
CA LEU A 260 13.67 16.02 18.55
C LEU A 260 12.51 16.54 19.40
N GLN A 261 11.33 16.70 18.78
CA GLN A 261 10.08 17.11 19.43
C GLN A 261 9.42 15.80 19.91
N CYS A 262 9.27 15.65 21.25
CA CYS A 262 8.78 14.46 21.93
C CYS A 262 7.36 14.57 22.40
N GLY A 263 6.50 15.17 21.60
CA GLY A 263 5.07 15.28 21.97
C GLY A 263 4.50 13.95 22.41
N ALA A 264 3.95 13.92 23.64
CA ALA A 264 3.46 12.69 24.30
C ALA A 264 2.02 12.35 24.00
N ASP A 265 1.39 13.09 23.08
CA ASP A 265 0.01 12.78 22.68
C ASP A 265 -0.08 11.61 21.71
N SER A 266 1.07 11.02 21.33
CA SER A 266 1.12 9.81 20.52
C SER A 266 1.03 8.55 21.46
N LEU A 267 0.88 8.74 22.80
CA LEU A 267 0.74 7.62 23.71
C LEU A 267 -0.69 7.13 23.75
N SER A 268 -0.83 5.84 24.06
CA SER A 268 -2.11 5.17 24.29
C SER A 268 -2.88 5.93 25.41
N GLY A 269 -4.18 6.08 25.24
CA GLY A 269 -5.00 6.76 26.25
C GLY A 269 -4.92 8.28 26.31
N ASP A 270 -4.27 8.93 25.33
CA ASP A 270 -4.20 10.39 25.33
C ASP A 270 -5.59 10.98 25.11
N ARG A 271 -5.91 12.07 25.81
CA ARG A 271 -7.22 12.73 25.70
C ARG A 271 -7.57 13.21 24.28
N LEU A 272 -6.58 13.65 23.50
CA LEU A 272 -6.82 14.14 22.13
C LEU A 272 -6.26 13.22 21.05
N GLY A 273 -5.35 12.33 21.40
CA GLY A 273 -4.75 11.44 20.42
C GLY A 273 -5.49 10.15 20.23
N CYS A 274 -5.15 9.43 19.14
CA CYS A 274 -5.76 8.15 18.79
C CYS A 274 -4.69 7.10 18.44
N PHE A 275 -3.48 7.22 19.00
CA PHE A 275 -2.43 6.23 18.79
C PHE A 275 -2.42 5.29 20.00
N ASN A 276 -1.59 4.24 19.93
CA ASN A 276 -1.52 3.24 20.97
C ASN A 276 -0.10 2.88 21.41
N LEU A 277 0.81 3.87 21.47
CA LEU A 277 2.17 3.62 21.92
C LEU A 277 2.24 3.55 23.43
N THR A 278 3.21 2.79 23.93
CA THR A 278 3.48 2.78 25.36
C THR A 278 4.63 3.80 25.59
N VAL A 279 4.99 4.06 26.86
CA VAL A 279 6.11 4.95 27.16
C VAL A 279 7.42 4.33 26.58
N LYS A 280 7.56 2.99 26.65
CA LYS A 280 8.75 2.33 26.10
C LYS A 280 8.80 2.51 24.57
N GLY A 281 7.66 2.37 23.91
CA GLY A 281 7.62 2.53 22.45
C GLY A 281 7.95 3.95 22.02
N HIS A 282 7.43 4.94 22.75
CA HIS A 282 7.71 6.34 22.45
C HIS A 282 9.21 6.62 22.72
N ALA A 283 9.73 6.17 23.88
CA ALA A 283 11.14 6.40 24.26
C ALA A 283 12.13 5.67 23.37
N LYS A 284 11.69 4.62 22.66
CA LYS A 284 12.58 3.92 21.72
C LYS A 284 13.04 4.93 20.63
N CYS A 285 12.20 5.96 20.30
CA CYS A 285 12.59 6.99 19.34
C CYS A 285 13.76 7.79 19.85
N VAL A 286 13.75 8.10 21.15
CA VAL A 286 14.84 8.84 21.78
C VAL A 286 16.10 7.99 21.74
N GLU A 287 15.98 6.69 22.06
CA GLU A 287 17.14 5.78 22.01
C GLU A 287 17.72 5.74 20.60
N VAL A 288 16.86 5.63 19.59
CA VAL A 288 17.32 5.57 18.20
C VAL A 288 18.11 6.83 17.81
N VAL A 289 17.58 8.01 18.13
CA VAL A 289 18.24 9.27 17.77
C VAL A 289 19.53 9.46 18.53
N LYS A 290 19.49 9.18 19.85
CA LYS A 290 20.66 9.33 20.72
C LYS A 290 21.84 8.47 20.26
N THR A 291 21.55 7.32 19.66
CA THR A 291 22.57 6.39 19.18
C THR A 291 23.51 7.02 18.12
N PHE A 292 23.03 8.01 17.34
CA PHE A 292 23.86 8.64 16.30
C PHE A 292 24.96 9.56 16.84
N ASN A 293 24.98 9.77 18.17
CA ASN A 293 25.99 10.57 18.85
CA ASN A 293 26.00 10.58 18.83
C ASN A 293 26.16 11.99 18.27
N LEU A 294 25.05 12.67 18.01
CA LEU A 294 25.11 14.04 17.49
C LEU A 294 24.55 14.98 18.56
N PRO A 295 24.98 16.25 18.57
CA PRO A 295 24.39 17.24 19.52
C PRO A 295 22.86 17.19 19.38
N LEU A 296 22.13 17.01 20.49
CA LEU A 296 20.70 16.81 20.41
C LEU A 296 19.92 17.69 21.37
N LEU A 297 18.89 18.38 20.85
CA LEU A 297 18.01 19.21 21.66
C LEU A 297 16.70 18.43 21.74
N MET A 298 16.28 18.02 22.95
CA MET A 298 15.04 17.26 23.15
CA MET A 298 15.06 17.25 23.16
C MET A 298 14.00 18.20 23.71
N LEU A 299 12.84 18.26 23.05
CA LEU A 299 11.78 19.18 23.46
C LEU A 299 10.47 18.48 23.74
N GLY A 300 9.57 19.17 24.42
CA GLY A 300 8.26 18.63 24.73
C GLY A 300 7.33 18.81 23.54
N GLY A 301 6.05 19.07 23.81
CA GLY A 301 5.05 19.22 22.77
C GLY A 301 3.70 18.90 23.36
N GLY A 302 2.86 18.20 22.59
CA GLY A 302 1.54 17.82 23.10
C GLY A 302 1.61 16.77 24.21
N GLY A 303 0.45 16.33 24.69
CA GLY A 303 0.34 15.36 25.76
C GLY A 303 -0.75 15.89 26.66
N TYR A 304 -1.91 15.19 26.68
CA TYR A 304 -3.13 15.68 27.32
C TYR A 304 -3.70 14.76 28.41
N THR A 305 -3.12 13.57 28.64
CA THR A 305 -3.48 12.70 29.80
C THR A 305 -2.22 12.92 30.65
N ILE A 306 -2.27 13.92 31.54
CA ILE A 306 -1.08 14.45 32.17
C ILE A 306 -0.29 13.46 32.99
N ARG A 307 -0.92 12.45 33.62
CA ARG A 307 -0.13 11.46 34.36
C ARG A 307 0.84 10.69 33.41
N ASN A 308 0.35 10.45 32.16
CA ASN A 308 1.16 9.74 31.17
C ASN A 308 2.24 10.61 30.56
N VAL A 309 2.00 11.92 30.46
CA VAL A 309 3.01 12.86 29.96
C VAL A 309 4.16 12.88 30.97
N ALA A 310 3.84 12.96 32.29
CA ALA A 310 4.90 12.98 33.32
C ALA A 310 5.70 11.68 33.28
N ARG A 311 5.03 10.53 33.11
CA ARG A 311 5.74 9.24 33.03
C ARG A 311 6.68 9.24 31.80
N CYS A 312 6.13 9.68 30.65
CA CYS A 312 6.86 9.64 29.39
C CYS A 312 8.12 10.47 29.41
N TRP A 313 7.98 11.73 29.83
CA TRP A 313 9.13 12.63 29.83
C TRP A 313 10.10 12.32 30.97
N THR A 314 9.62 11.71 32.08
CA THR A 314 10.56 11.28 33.13
C THR A 314 11.41 10.12 32.56
N TYR A 315 10.74 9.17 31.89
CA TYR A 315 11.46 8.03 31.32
C TYR A 315 12.41 8.46 30.22
N GLU A 316 12.01 9.43 29.38
CA GLU A 316 12.89 9.92 28.30
C GLU A 316 14.08 10.71 28.84
N THR A 317 13.93 11.35 30.01
CA THR A 317 15.06 12.03 30.64
C THR A 317 16.04 10.92 31.14
N ALA A 318 15.50 9.82 31.72
CA ALA A 318 16.34 8.70 32.17
C ALA A 318 17.06 8.08 30.98
N VAL A 319 16.36 7.96 29.82
CA VAL A 319 16.96 7.43 28.58
C VAL A 319 18.13 8.32 28.15
N ALA A 320 17.93 9.65 28.17
CA ALA A 320 18.99 10.59 27.80
C ALA A 320 20.22 10.43 28.69
N LEU A 321 20.00 10.14 29.98
CA LEU A 321 21.07 9.98 30.95
C LEU A 321 21.66 8.57 31.00
N ASP A 322 21.09 7.61 30.24
CA ASP A 322 21.53 6.20 30.28
C ASP A 322 21.40 5.67 31.73
N CYS A 323 20.32 6.08 32.40
CA CYS A 323 20.05 5.71 33.77
CA CYS A 323 20.03 5.74 33.79
C CYS A 323 18.83 4.81 33.84
N GLU A 324 18.98 3.63 34.46
CA GLU A 324 17.87 2.71 34.60
C GLU A 324 17.10 3.19 35.84
N ILE A 325 15.78 3.22 35.76
CA ILE A 325 14.94 3.62 36.89
C ILE A 325 13.84 2.57 37.10
N PRO A 326 13.51 2.29 38.37
CA PRO A 326 12.50 1.26 38.64
C PRO A 326 11.09 1.58 38.15
N ASN A 327 10.30 0.53 37.85
CA ASN A 327 8.92 0.70 37.40
C ASN A 327 8.05 1.21 38.57
N GLU A 328 8.38 0.84 39.81
CA GLU A 328 7.62 1.31 40.97
C GLU A 328 7.88 2.82 41.12
N LEU A 329 6.81 3.64 41.09
CA LEU A 329 7.02 5.09 41.20
C LEU A 329 7.43 5.47 42.59
N PRO A 330 8.39 6.41 42.71
CA PRO A 330 8.74 6.89 44.03
C PRO A 330 7.62 7.81 44.52
N TYR A 331 7.52 8.00 45.86
CA TYR A 331 6.54 8.95 46.39
C TYR A 331 6.88 10.37 45.81
N ASN A 332 5.88 11.17 45.54
CA ASN A 332 6.09 12.50 44.95
C ASN A 332 4.88 13.37 45.26
N ASP A 333 4.97 14.68 44.94
CA ASP A 333 3.89 15.63 45.24
C ASP A 333 2.58 15.36 44.55
N TYR A 334 2.60 14.54 43.49
CA TYR A 334 1.41 14.25 42.71
C TYR A 334 1.16 12.76 42.68
N PHE A 335 1.61 12.01 43.71
CA PHE A 335 1.49 10.55 43.74
C PHE A 335 0.11 10.04 43.39
N GLU A 336 -0.92 10.67 43.92
CA GLU A 336 -2.30 10.23 43.66
C GLU A 336 -2.75 10.31 42.19
N TYR A 337 -2.06 11.13 41.39
CA TYR A 337 -2.41 11.22 39.96
C TYR A 337 -2.04 9.92 39.21
N PHE A 338 -1.14 9.10 39.78
CA PHE A 338 -0.64 7.89 39.13
C PHE A 338 -1.34 6.62 39.53
N GLY A 339 -2.43 6.72 40.27
CA GLY A 339 -3.20 5.55 40.62
C GLY A 339 -3.91 5.02 39.39
N PRO A 340 -4.47 3.80 39.46
CA PRO A 340 -4.49 2.91 40.64
C PRO A 340 -3.24 2.03 40.78
N ASP A 341 -2.34 2.05 39.79
CA ASP A 341 -1.17 1.19 39.77
C ASP A 341 0.12 1.76 40.39
N PHE A 342 0.32 3.07 40.27
CA PHE A 342 1.52 3.74 40.78
C PHE A 342 2.80 3.18 40.16
N LYS A 343 2.72 2.84 38.85
CA LYS A 343 3.88 2.36 38.10
C LYS A 343 4.22 3.40 37.03
N LEU A 344 5.45 3.32 36.53
CA LEU A 344 5.93 4.25 35.52
C LEU A 344 5.44 3.87 34.14
N HIS A 345 5.52 2.57 33.82
CA HIS A 345 5.15 2.11 32.49
C HIS A 345 3.68 1.85 32.32
N ILE A 346 3.19 2.00 31.09
CA ILE A 346 1.80 1.86 30.76
C ILE A 346 1.54 0.71 29.79
N SER A 347 0.30 0.22 29.77
CA SER A 347 -0.10 -0.85 28.89
C SER A 347 -0.83 -0.27 27.68
N PRO A 348 -0.69 -0.89 26.50
CA PRO A 348 -1.48 -0.42 25.36
C PRO A 348 -2.93 -0.86 25.56
N SER A 349 -3.84 -0.22 24.84
CA SER A 349 -5.26 -0.56 24.87
C SER A 349 -5.54 -1.66 23.82
N ASN A 350 -6.80 -2.12 23.73
CA ASN A 350 -7.17 -3.12 22.73
C ASN A 350 -7.63 -2.48 21.42
N MET A 351 -7.37 -1.16 21.19
CA MET A 351 -7.81 -0.52 19.97
C MET A 351 -7.18 -1.17 18.73
N THR A 352 -7.94 -1.19 17.63
CA THR A 352 -7.44 -1.79 16.42
C THR A 352 -6.37 -0.90 15.81
N ASN A 353 -5.29 -1.50 15.33
CA ASN A 353 -4.25 -0.76 14.64
C ASN A 353 -4.67 -0.73 13.17
N GLN A 354 -5.09 0.44 12.70
CA GLN A 354 -5.51 0.58 11.31
CA GLN A 354 -5.52 0.60 11.31
C GLN A 354 -4.34 0.67 10.32
N ASN A 355 -3.10 0.79 10.83
CA ASN A 355 -1.90 0.86 10.02
C ASN A 355 -1.47 -0.57 9.79
N THR A 356 -1.94 -1.17 8.68
CA THR A 356 -1.56 -2.57 8.42
C THR A 356 -0.07 -2.68 8.18
N PRO A 357 0.51 -3.85 8.38
CA PRO A 357 1.95 -4.01 8.07
C PRO A 357 2.29 -3.63 6.61
N GLU A 358 1.36 -3.92 5.68
CA GLU A 358 1.59 -3.60 4.27
C GLU A 358 1.59 -2.09 4.03
N TYR A 359 0.67 -1.38 4.72
CA TYR A 359 0.59 0.08 4.57
C TYR A 359 1.91 0.69 5.10
N MET A 360 2.38 0.20 6.27
CA MET A 360 3.63 0.76 6.85
C MET A 360 4.81 0.58 5.91
N GLU A 361 4.93 -0.63 5.32
CA GLU A 361 6.04 -0.89 4.40
C GLU A 361 5.92 -0.05 3.16
N LYS A 362 4.70 0.09 2.63
CA LYS A 362 4.49 0.87 1.41
C LYS A 362 4.85 2.35 1.59
N ILE A 363 4.42 2.95 2.72
CA ILE A 363 4.74 4.35 2.97
C ILE A 363 6.25 4.50 3.16
N LYS A 364 6.86 3.57 3.92
CA LYS A 364 8.32 3.60 4.12
C LYS A 364 9.07 3.53 2.77
N GLN A 365 8.60 2.67 1.85
CA GLN A 365 9.24 2.56 0.54
C GLN A 365 9.09 3.85 -0.28
N ARG A 366 7.95 4.54 -0.17
CA ARG A 366 7.76 5.81 -0.89
C ARG A 366 8.72 6.87 -0.34
N LEU A 367 8.91 6.91 0.98
CA LEU A 367 9.84 7.86 1.59
C LEU A 367 11.28 7.51 1.21
N PHE A 368 11.62 6.22 1.12
CA PHE A 368 12.97 5.81 0.69
C PHE A 368 13.22 6.30 -0.74
N GLU A 369 12.20 6.24 -1.63
CA GLU A 369 12.35 6.73 -3.02
CA GLU A 369 12.38 6.72 -3.01
C GLU A 369 12.71 8.22 -3.01
N ASN A 370 12.07 9.01 -2.12
CA ASN A 370 12.34 10.44 -2.04
C ASN A 370 13.71 10.70 -1.48
N LEU A 371 14.15 9.90 -0.50
CA LEU A 371 15.47 10.04 0.12
C LEU A 371 16.57 9.73 -0.91
N ARG A 372 16.29 8.85 -1.91
CA ARG A 372 17.28 8.56 -2.96
C ARG A 372 17.57 9.81 -3.81
N MET A 373 16.67 10.80 -3.81
CA MET A 373 16.83 12.02 -4.59
C MET A 373 17.73 13.08 -3.97
N LEU A 374 18.25 12.84 -2.77
CA LEU A 374 19.16 13.80 -2.13
C LEU A 374 20.56 13.69 -2.77
N PRO A 375 21.38 14.77 -2.77
CA PRO A 375 22.71 14.68 -3.39
C PRO A 375 23.69 13.79 -2.63
N LYS B 9 -13.03 15.41 -27.39
CA LYS B 9 -13.48 14.11 -26.90
C LYS B 9 -14.91 14.18 -26.36
N LYS B 10 -15.55 13.00 -26.20
CA LYS B 10 -16.90 12.96 -25.63
C LYS B 10 -16.88 13.53 -24.20
N LYS B 11 -17.87 14.36 -23.86
CA LYS B 11 -17.98 15.01 -22.58
C LYS B 11 -18.59 14.08 -21.53
N VAL B 12 -18.01 14.11 -20.30
CA VAL B 12 -18.49 13.30 -19.17
C VAL B 12 -18.92 14.16 -17.99
N CYS B 13 -20.15 13.95 -17.49
CA CYS B 13 -20.57 14.62 -16.25
C CYS B 13 -20.75 13.55 -15.18
N TYR B 14 -20.49 13.88 -13.94
CA TYR B 14 -20.45 12.91 -12.87
C TYR B 14 -21.13 13.49 -11.63
N TYR B 15 -21.99 12.69 -11.01
CA TYR B 15 -22.76 13.15 -9.86
C TYR B 15 -22.29 12.52 -8.58
N TYR B 16 -22.12 13.35 -7.53
CA TYR B 16 -21.68 12.87 -6.24
C TYR B 16 -22.08 13.83 -5.14
N ASP B 17 -22.65 13.32 -4.04
CA ASP B 17 -22.96 14.15 -2.89
C ASP B 17 -22.09 13.60 -1.75
N GLY B 18 -21.31 14.46 -1.08
CA GLY B 18 -20.44 14.05 0.01
C GLY B 18 -21.09 13.40 1.21
N ASP B 19 -22.42 13.50 1.34
CA ASP B 19 -23.10 12.85 2.46
C ASP B 19 -23.34 11.35 2.17
N ILE B 20 -23.31 10.94 0.87
CA ILE B 20 -23.67 9.58 0.49
C ILE B 20 -22.94 8.49 1.27
N GLY B 21 -21.64 8.65 1.51
CA GLY B 21 -20.85 7.65 2.20
C GLY B 21 -21.17 7.45 3.67
N ASN B 22 -21.93 8.38 4.25
CA ASN B 22 -22.28 8.30 5.68
C ASN B 22 -23.52 7.50 5.99
N TYR B 23 -24.32 7.14 4.97
CA TYR B 23 -25.51 6.33 5.20
C TYR B 23 -25.07 4.93 5.53
N TYR B 24 -25.67 4.34 6.55
CA TYR B 24 -25.25 3.05 7.05
C TYR B 24 -26.42 2.07 7.16
N TYR B 25 -26.35 0.95 6.42
CA TYR B 25 -27.41 -0.05 6.44
C TYR B 25 -27.48 -0.85 7.75
N GLY B 26 -26.45 -0.76 8.58
CA GLY B 26 -26.45 -1.49 9.85
C GLY B 26 -25.37 -2.55 9.93
N GLN B 27 -25.02 -2.93 11.17
CA GLN B 27 -23.99 -3.95 11.41
C GLN B 27 -24.30 -5.26 10.71
N GLY B 28 -23.33 -5.76 9.96
CA GLY B 28 -23.45 -7.02 9.24
C GLY B 28 -24.07 -6.92 7.86
N HIS B 29 -24.67 -5.75 7.51
CA HIS B 29 -25.31 -5.63 6.19
C HIS B 29 -24.22 -5.43 5.14
N PRO B 30 -24.23 -6.22 4.06
CA PRO B 30 -23.14 -6.11 3.06
C PRO B 30 -23.10 -4.83 2.24
N MET B 31 -24.23 -4.12 2.15
CA MET B 31 -24.25 -2.89 1.34
C MET B 31 -23.60 -1.76 2.09
N LYS B 32 -22.54 -1.19 1.52
CA LYS B 32 -21.76 -0.15 2.17
C LYS B 32 -21.62 1.10 1.33
N PRO B 33 -22.50 2.11 1.52
CA PRO B 33 -22.41 3.35 0.72
C PRO B 33 -21.03 4.03 0.77
N HIS B 34 -20.24 3.76 1.82
CA HIS B 34 -18.86 4.29 1.92
C HIS B 34 -18.04 3.92 0.66
N ARG B 35 -18.38 2.79 -0.05
CA ARG B 35 -17.64 2.43 -1.27
C ARG B 35 -17.74 3.55 -2.32
N ILE B 36 -18.82 4.34 -2.32
CA ILE B 36 -18.99 5.45 -3.29
C ILE B 36 -17.99 6.59 -2.98
N ARG B 37 -17.80 6.85 -1.67
CA ARG B 37 -16.84 7.83 -1.20
C ARG B 37 -15.41 7.36 -1.51
N MET B 38 -15.11 6.06 -1.32
CA MET B 38 -13.78 5.53 -1.67
C MET B 38 -13.51 5.73 -3.15
N THR B 39 -14.54 5.46 -3.99
CA THR B 39 -14.39 5.65 -5.44
C THR B 39 -14.11 7.13 -5.75
N HIS B 40 -14.90 8.04 -5.17
CA HIS B 40 -14.71 9.47 -5.41
C HIS B 40 -13.30 9.94 -5.02
N ASN B 41 -12.81 9.48 -3.85
CA ASN B 41 -11.49 9.95 -3.40
C ASN B 41 -10.37 9.34 -4.23
N LEU B 42 -10.56 8.10 -4.74
CA LEU B 42 -9.53 7.50 -5.57
C LEU B 42 -9.46 8.30 -6.91
N LEU B 43 -10.62 8.63 -7.53
N LEU B 43 -10.62 8.66 -7.47
CA LEU B 43 -10.57 9.40 -8.79
CA LEU B 43 -10.65 9.47 -8.71
C LEU B 43 -10.01 10.84 -8.56
C LEU B 43 -9.96 10.79 -8.51
N LEU B 44 -10.20 11.43 -7.36
CA LEU B 44 -9.58 12.75 -7.06
C LEU B 44 -8.07 12.60 -7.10
N ASN B 45 -7.58 11.56 -6.41
CA ASN B 45 -6.13 11.37 -6.28
C ASN B 45 -5.46 10.90 -7.56
N TYR B 46 -6.22 10.36 -8.52
CA TYR B 46 -5.69 10.02 -9.83
C TYR B 46 -5.65 11.27 -10.76
N GLY B 47 -6.24 12.39 -10.33
CA GLY B 47 -6.25 13.62 -11.11
C GLY B 47 -7.36 13.67 -12.14
N LEU B 48 -8.36 12.76 -12.03
CA LEU B 48 -9.41 12.67 -13.03
C LEU B 48 -10.47 13.79 -12.96
N TYR B 49 -10.52 14.60 -11.89
CA TYR B 49 -11.55 15.66 -11.83
C TYR B 49 -11.34 16.73 -12.89
N ARG B 50 -10.08 16.97 -13.28
CA ARG B 50 -9.76 18.00 -14.27
C ARG B 50 -10.50 17.82 -15.60
N LYS B 51 -10.77 16.58 -15.95
CA LYS B 51 -11.36 16.19 -17.21
C LYS B 51 -12.86 16.00 -17.21
N MET B 52 -13.54 16.17 -16.07
CA MET B 52 -14.99 16.00 -16.12
CA MET B 52 -14.96 15.92 -15.97
C MET B 52 -15.73 17.04 -15.29
N GLU B 53 -17.03 17.17 -15.58
CA GLU B 53 -17.86 18.15 -14.91
C GLU B 53 -18.44 17.37 -13.73
N ILE B 54 -18.17 17.84 -12.53
CA ILE B 54 -18.65 17.17 -11.33
C ILE B 54 -19.75 18.00 -10.71
N TYR B 55 -20.90 17.37 -10.46
CA TYR B 55 -22.04 18.05 -9.88
C TYR B 55 -22.53 17.35 -8.63
N ARG B 56 -23.14 18.11 -7.72
CA ARG B 56 -23.78 17.55 -6.54
C ARG B 56 -25.24 17.38 -7.01
N PRO B 57 -25.81 16.18 -6.87
CA PRO B 57 -27.20 15.99 -7.30
C PRO B 57 -28.17 16.72 -6.38
N HIS B 58 -29.36 17.03 -6.91
CA HIS B 58 -30.41 17.58 -6.07
C HIS B 58 -31.01 16.35 -5.32
N LYS B 59 -31.80 16.61 -4.28
CA LYS B 59 -32.52 15.55 -3.59
C LYS B 59 -33.81 15.38 -4.40
N ALA B 60 -33.98 14.22 -5.06
CA ALA B 60 -35.19 13.96 -5.85
C ALA B 60 -36.43 14.04 -4.95
N THR B 61 -37.46 14.73 -5.43
CA THR B 61 -38.67 14.92 -4.63
C THR B 61 -39.58 13.70 -4.66
N ALA B 62 -40.57 13.65 -3.73
CA ALA B 62 -41.59 12.58 -3.75
C ALA B 62 -42.33 12.61 -5.10
N GLU B 63 -42.59 13.80 -5.65
CA GLU B 63 -43.25 13.95 -6.94
C GLU B 63 -42.43 13.31 -8.07
N GLU B 64 -41.09 13.49 -8.05
CA GLU B 64 -40.24 12.85 -9.06
C GLU B 64 -40.32 11.33 -8.88
N MET B 65 -40.32 10.84 -7.64
CA MET B 65 -40.33 9.39 -7.39
C MET B 65 -41.64 8.74 -7.77
N THR B 66 -42.76 9.46 -7.61
CA THR B 66 -44.07 8.88 -7.96
C THR B 66 -44.34 8.86 -9.47
N LYS B 67 -43.37 9.28 -10.31
CA LYS B 67 -43.51 9.10 -11.75
C LYS B 67 -43.50 7.55 -12.05
N TYR B 68 -43.00 6.74 -11.10
CA TYR B 68 -43.02 5.31 -11.18
C TYR B 68 -43.64 4.70 -9.92
N HIS B 69 -43.07 4.97 -8.74
CA HIS B 69 -43.52 4.36 -7.50
C HIS B 69 -44.91 4.83 -7.06
N SER B 70 -45.61 3.98 -6.28
CA SER B 70 -46.92 4.39 -5.79
C SER B 70 -46.77 5.48 -4.72
N ASP B 71 -47.79 6.35 -4.63
CA ASP B 71 -47.78 7.43 -3.65
C ASP B 71 -47.72 6.90 -2.22
N GLU B 72 -48.41 5.77 -1.96
CA GLU B 72 -48.44 5.14 -0.64
C GLU B 72 -47.03 4.67 -0.24
N TYR B 73 -46.32 4.02 -1.18
CA TYR B 73 -44.98 3.51 -0.88
C TYR B 73 -43.99 4.65 -0.60
N ILE B 74 -44.03 5.70 -1.42
CA ILE B 74 -43.12 6.85 -1.23
C ILE B 74 -43.42 7.59 0.08
N LYS B 75 -44.73 7.69 0.43
CA LYS B 75 -45.10 8.33 1.71
C LYS B 75 -44.53 7.54 2.88
N PHE B 76 -44.57 6.21 2.79
CA PHE B 76 -44.00 5.34 3.81
C PHE B 76 -42.47 5.57 3.91
N LEU B 77 -41.75 5.58 2.75
CA LEU B 77 -40.29 5.80 2.80
C LEU B 77 -39.95 7.15 3.43
N ARG B 78 -40.77 8.17 3.17
CA ARG B 78 -40.53 9.52 3.70
C ARG B 78 -40.86 9.63 5.21
N SER B 79 -41.68 8.70 5.74
CA SER B 79 -42.12 8.73 7.14
C SER B 79 -41.39 7.78 8.08
N ILE B 80 -40.96 6.62 7.59
CA ILE B 80 -40.36 5.58 8.42
C ILE B 80 -38.98 5.95 8.97
N ARG B 81 -38.77 5.74 10.27
CA ARG B 81 -37.52 6.03 10.96
C ARG B 81 -37.27 4.94 12.01
N PRO B 82 -36.01 4.72 12.43
CA PRO B 82 -35.77 3.73 13.49
C PRO B 82 -36.59 3.99 14.76
N ASP B 83 -36.85 5.28 15.10
CA ASP B 83 -37.58 5.61 16.32
C ASP B 83 -39.11 5.51 16.22
N ASN B 84 -39.68 5.27 15.02
CA ASN B 84 -41.14 5.11 14.92
C ASN B 84 -41.56 3.76 14.29
N MET B 85 -40.58 2.86 14.01
CA MET B 85 -40.76 1.53 13.42
C MET B 85 -41.83 0.70 14.09
N SER B 86 -41.92 0.77 15.43
CA SER B 86 -42.92 0.00 16.16
C SER B 86 -44.34 0.35 15.74
N GLU B 87 -44.58 1.58 15.23
CA GLU B 87 -45.92 1.98 14.77
C GLU B 87 -46.21 1.60 13.32
N TYR B 88 -45.22 1.06 12.58
CA TYR B 88 -45.40 0.76 11.16
C TYR B 88 -45.22 -0.73 10.81
N SER B 89 -45.47 -1.67 11.73
CA SER B 89 -45.31 -3.11 11.39
C SER B 89 -46.10 -3.54 10.16
N LYS B 90 -47.35 -3.07 9.99
CA LYS B 90 -48.16 -3.47 8.83
C LYS B 90 -47.57 -2.96 7.51
N GLN B 91 -47.19 -1.68 7.49
CA GLN B 91 -46.60 -1.10 6.28
C GLN B 91 -45.21 -1.68 5.99
N MET B 92 -44.40 -1.98 7.03
CA MET B 92 -43.08 -2.60 6.79
C MET B 92 -43.25 -3.97 6.10
N GLN B 93 -44.31 -4.71 6.48
CA GLN B 93 -44.60 -5.99 5.86
C GLN B 93 -45.07 -5.81 4.43
N ARG B 94 -46.01 -4.87 4.20
CA ARG B 94 -46.54 -4.63 2.86
C ARG B 94 -45.46 -4.16 1.88
N PHE B 95 -44.55 -3.31 2.36
CA PHE B 95 -43.52 -2.72 1.51
C PHE B 95 -42.17 -3.45 1.51
N ASN B 96 -42.09 -4.60 2.18
CA ASN B 96 -40.92 -5.46 2.21
C ASN B 96 -39.68 -4.83 2.84
N VAL B 97 -39.88 -4.08 3.90
CA VAL B 97 -38.78 -3.48 4.61
C VAL B 97 -38.46 -4.44 5.76
N GLY B 98 -37.24 -4.95 5.75
CA GLY B 98 -36.77 -5.94 6.70
C GLY B 98 -35.29 -6.20 6.61
N GLU B 99 -34.86 -7.48 6.65
CA GLU B 99 -33.43 -7.79 6.64
C GLU B 99 -32.68 -7.21 5.45
N ASP B 100 -33.12 -7.52 4.21
CA ASP B 100 -32.37 -7.01 3.06
C ASP B 100 -32.51 -5.50 2.95
N CYS B 101 -33.69 -4.96 3.23
CA CYS B 101 -33.95 -3.52 3.10
C CYS B 101 -34.33 -2.98 4.46
N PRO B 102 -33.34 -2.75 5.33
CA PRO B 102 -33.66 -2.28 6.68
C PRO B 102 -34.03 -0.80 6.78
N VAL B 103 -34.54 -0.40 7.94
CA VAL B 103 -34.84 0.99 8.20
C VAL B 103 -33.56 1.52 8.80
N PHE B 104 -33.00 2.58 8.23
CA PHE B 104 -31.81 3.20 8.80
C PHE B 104 -31.99 4.71 8.83
N ASP B 105 -31.20 5.40 9.66
CA ASP B 105 -31.27 6.86 9.77
C ASP B 105 -30.96 7.50 8.41
N GLY B 106 -31.83 8.40 7.98
CA GLY B 106 -31.61 9.10 6.71
C GLY B 106 -31.94 8.29 5.47
N LEU B 107 -32.63 7.15 5.62
CA LEU B 107 -33.02 6.30 4.49
C LEU B 107 -33.63 7.11 3.30
N PHE B 108 -34.61 7.99 3.59
CA PHE B 108 -35.25 8.75 2.53
C PHE B 108 -34.26 9.66 1.83
N GLU B 109 -33.38 10.36 2.60
CA GLU B 109 -32.40 11.25 1.97
C GLU B 109 -31.43 10.45 1.09
N PHE B 110 -31.05 9.24 1.52
CA PHE B 110 -30.17 8.35 0.75
C PHE B 110 -30.85 8.05 -0.61
N CYS B 111 -32.15 7.72 -0.56
CA CYS B 111 -32.91 7.47 -1.78
C CYS B 111 -32.95 8.70 -2.65
N GLN B 112 -33.17 9.89 -2.03
CA GLN B 112 -33.26 11.12 -2.79
C GLN B 112 -31.97 11.44 -3.54
N LEU B 113 -30.83 11.22 -2.91
CA LEU B 113 -29.54 11.55 -3.53
C LEU B 113 -29.16 10.52 -4.56
N SER B 114 -29.43 9.23 -4.30
CA SER B 114 -29.16 8.16 -5.27
C SER B 114 -29.99 8.42 -6.54
N THR B 115 -31.29 8.70 -6.34
CA THR B 115 -32.18 8.98 -7.46
C THR B 115 -31.85 10.30 -8.16
N GLY B 116 -31.58 11.35 -7.39
CA GLY B 116 -31.28 12.66 -7.96
C GLY B 116 -30.16 12.65 -8.97
N GLY B 117 -29.12 11.87 -8.70
CA GLY B 117 -28.00 11.80 -9.64
C GLY B 117 -28.38 11.14 -10.95
N SER B 118 -29.21 10.08 -10.88
CA SER B 118 -29.59 9.37 -12.11
C SER B 118 -30.54 10.22 -12.96
N VAL B 119 -31.57 10.85 -12.33
CA VAL B 119 -32.50 11.68 -13.09
CA VAL B 119 -32.49 11.65 -13.14
C VAL B 119 -31.79 12.93 -13.62
N ALA B 120 -30.90 13.55 -12.81
CA ALA B 120 -30.18 14.74 -13.29
C ALA B 120 -29.28 14.38 -14.49
N GLY B 121 -28.64 13.21 -14.43
CA GLY B 121 -27.82 12.74 -15.54
C GLY B 121 -28.64 12.53 -16.80
N ALA B 122 -29.86 11.95 -16.64
CA ALA B 122 -30.75 11.71 -17.78
C ALA B 122 -31.15 13.06 -18.39
N VAL B 123 -31.45 14.07 -17.55
CA VAL B 123 -31.81 15.41 -18.05
C VAL B 123 -30.64 16.00 -18.85
N LYS B 124 -29.41 15.89 -18.32
CA LYS B 124 -28.24 16.41 -19.03
C LYS B 124 -28.07 15.75 -20.40
N LEU B 125 -28.34 14.44 -20.48
CA LEU B 125 -28.24 13.72 -21.74
C LEU B 125 -29.34 14.19 -22.71
N ASN B 126 -30.57 14.37 -22.20
CA ASN B 126 -31.70 14.82 -23.02
C ASN B 126 -31.43 16.22 -23.59
N ARG B 127 -30.85 17.09 -22.79
CA ARG B 127 -30.55 18.46 -23.23
C ARG B 127 -29.28 18.54 -24.09
N GLN B 128 -28.64 17.40 -24.39
CA GLN B 128 -27.42 17.30 -25.17
C GLN B 128 -26.31 18.17 -24.58
N GLN B 129 -26.27 18.25 -23.26
CA GLN B 129 -25.24 19.00 -22.54
C GLN B 129 -24.04 18.12 -22.17
N THR B 130 -24.14 16.80 -22.39
CA THR B 130 -23.09 15.82 -22.15
C THR B 130 -23.33 14.58 -23.03
N ASP B 131 -22.28 13.83 -23.28
CA ASP B 131 -22.34 12.59 -24.04
C ASP B 131 -22.50 11.38 -23.06
N MET B 132 -21.92 11.51 -21.86
CA MET B 132 -22.00 10.47 -20.83
C MET B 132 -22.28 11.13 -19.50
N ALA B 133 -23.14 10.49 -18.70
CA ALA B 133 -23.41 10.97 -17.35
C ALA B 133 -23.15 9.77 -16.43
N VAL B 134 -22.53 10.01 -15.29
CA VAL B 134 -22.17 8.94 -14.36
C VAL B 134 -22.75 9.19 -12.98
N ASN B 135 -23.39 8.15 -12.40
CA ASN B 135 -23.88 8.26 -11.03
C ASN B 135 -23.60 6.94 -10.33
N TRP B 136 -22.44 6.84 -9.65
CA TRP B 136 -22.12 5.57 -8.97
C TRP B 136 -23.01 5.27 -7.78
N ALA B 137 -23.76 6.26 -7.26
CA ALA B 137 -24.71 6.00 -6.18
C ALA B 137 -26.03 5.39 -6.66
N GLY B 138 -26.25 5.34 -7.98
CA GLY B 138 -27.47 4.79 -8.57
C GLY B 138 -27.31 3.34 -9.00
N GLY B 139 -28.24 2.87 -9.83
CA GLY B 139 -28.24 1.50 -10.32
C GLY B 139 -28.98 0.53 -9.42
N LEU B 140 -29.95 1.04 -8.63
CA LEU B 140 -30.68 0.20 -7.65
C LEU B 140 -31.84 -0.54 -8.31
N HIS B 141 -31.45 -1.52 -9.15
CA HIS B 141 -32.30 -2.24 -10.07
C HIS B 141 -33.39 -3.16 -9.51
N HIS B 142 -33.39 -3.50 -8.21
CA HIS B 142 -34.42 -4.41 -7.70
C HIS B 142 -35.69 -3.73 -7.22
N ALA B 143 -35.64 -2.42 -6.91
CA ALA B 143 -36.84 -1.78 -6.34
C ALA B 143 -38.04 -1.87 -7.25
N LYS B 144 -39.20 -2.16 -6.65
CA LYS B 144 -40.45 -2.37 -7.38
C LYS B 144 -41.39 -1.16 -7.23
N LYS B 145 -42.49 -1.12 -8.00
CA LYS B 145 -43.43 0.01 -7.92
C LYS B 145 -43.88 0.32 -6.50
N SER B 146 -44.21 -0.71 -5.71
CA SER B 146 -44.69 -0.52 -4.35
CA SER B 146 -44.65 -0.47 -4.34
C SER B 146 -43.99 -1.38 -3.31
N GLU B 147 -42.70 -1.70 -3.51
CA GLU B 147 -42.00 -2.50 -2.52
C GLU B 147 -40.49 -2.44 -2.71
N ALA B 148 -39.80 -2.49 -1.58
CA ALA B 148 -38.35 -2.47 -1.61
C ALA B 148 -37.90 -3.91 -1.88
N SER B 149 -36.66 -4.10 -2.36
CA SER B 149 -36.15 -5.45 -2.59
C SER B 149 -34.66 -5.39 -2.81
N GLY B 150 -33.95 -6.42 -2.36
CA GLY B 150 -32.52 -6.56 -2.64
C GLY B 150 -31.66 -5.33 -2.41
N PHE B 151 -31.82 -4.71 -1.23
CA PHE B 151 -31.03 -3.53 -0.79
C PHE B 151 -31.44 -2.25 -1.52
N CYS B 152 -32.48 -2.31 -2.38
CA CYS B 152 -32.95 -1.17 -3.17
C CYS B 152 -34.28 -0.69 -2.67
N TYR B 153 -34.48 0.63 -2.58
CA TYR B 153 -35.79 1.16 -2.12
C TYR B 153 -36.49 1.93 -3.23
N VAL B 154 -35.74 2.79 -3.92
CA VAL B 154 -36.30 3.59 -5.03
C VAL B 154 -35.56 3.22 -6.29
N ASN B 155 -36.29 2.88 -7.35
CA ASN B 155 -35.67 2.42 -8.58
C ASN B 155 -35.25 3.63 -9.39
N ASP B 156 -34.03 4.13 -9.11
CA ASP B 156 -33.53 5.30 -9.84
C ASP B 156 -33.37 5.03 -11.33
N ILE B 157 -33.13 3.75 -11.71
CA ILE B 157 -32.95 3.40 -13.12
C ILE B 157 -34.25 3.60 -13.89
N VAL B 158 -35.36 3.09 -13.34
CA VAL B 158 -36.65 3.22 -14.01
C VAL B 158 -37.00 4.71 -14.15
N LEU B 159 -36.76 5.49 -13.08
CA LEU B 159 -37.05 6.94 -13.14
C LEU B 159 -36.17 7.64 -14.19
N ALA B 160 -34.87 7.26 -14.28
CA ALA B 160 -33.98 7.84 -15.28
C ALA B 160 -34.43 7.44 -16.69
N ILE B 161 -34.86 6.18 -16.87
CA ILE B 161 -35.32 5.73 -18.18
C ILE B 161 -36.61 6.45 -18.58
N LEU B 162 -37.53 6.68 -17.61
CA LEU B 162 -38.75 7.45 -17.93
C LEU B 162 -38.36 8.88 -18.40
N GLU B 163 -37.30 9.46 -17.78
CA GLU B 163 -36.83 10.79 -18.17
CA GLU B 163 -36.83 10.79 -18.18
C GLU B 163 -36.28 10.71 -19.61
N LEU B 164 -35.41 9.71 -19.91
CA LEU B 164 -34.87 9.57 -21.26
C LEU B 164 -36.00 9.37 -22.30
N LEU B 165 -37.07 8.66 -21.91
CA LEU B 165 -38.20 8.38 -22.83
C LEU B 165 -38.95 9.66 -23.25
N LYS B 166 -38.70 10.78 -22.57
CA LYS B 166 -39.34 12.04 -22.99
C LYS B 166 -38.73 12.50 -24.33
N TYR B 167 -37.46 12.16 -24.59
CA TYR B 167 -36.76 12.60 -25.78
C TYR B 167 -36.34 11.50 -26.73
N HIS B 168 -36.37 10.22 -26.25
CA HIS B 168 -35.90 9.07 -27.01
C HIS B 168 -36.98 8.05 -27.23
N GLN B 169 -37.25 7.70 -28.52
CA GLN B 169 -38.27 6.72 -28.83
C GLN B 169 -37.91 5.34 -28.26
N ARG B 170 -36.63 4.96 -28.38
CA ARG B 170 -36.15 3.66 -27.94
C ARG B 170 -34.93 3.81 -27.03
N VAL B 171 -34.99 3.20 -25.84
CA VAL B 171 -33.89 3.27 -24.89
C VAL B 171 -33.42 1.84 -24.58
N LEU B 172 -32.10 1.61 -24.60
CA LEU B 172 -31.57 0.29 -24.29
C LEU B 172 -31.00 0.32 -22.89
N TYR B 173 -31.36 -0.69 -22.08
CA TYR B 173 -30.84 -0.84 -20.71
C TYR B 173 -29.98 -2.11 -20.70
N ILE B 174 -28.73 -2.00 -20.24
CA ILE B 174 -27.82 -3.16 -20.16
C ILE B 174 -27.40 -3.28 -18.70
N ASP B 175 -27.44 -4.48 -18.13
CA ASP B 175 -27.14 -4.68 -16.72
C ASP B 175 -26.10 -5.78 -16.54
N ILE B 176 -24.90 -5.39 -16.02
CA ILE B 176 -23.79 -6.36 -15.84
C ILE B 176 -23.53 -6.71 -14.36
N ASP B 177 -24.49 -6.33 -13.47
CA ASP B 177 -24.47 -6.76 -12.08
C ASP B 177 -24.58 -8.31 -12.10
N ILE B 178 -24.06 -9.00 -11.08
CA ILE B 178 -24.21 -10.46 -11.11
C ILE B 178 -25.67 -10.89 -10.88
N HIS B 179 -26.52 -10.01 -10.30
CA HIS B 179 -27.93 -10.35 -10.04
C HIS B 179 -28.82 -9.85 -11.18
N HIS B 180 -29.90 -10.59 -11.47
CA HIS B 180 -30.84 -10.20 -12.53
C HIS B 180 -31.45 -8.81 -12.22
N GLY B 181 -31.53 -7.94 -13.22
CA GLY B 181 -32.15 -6.62 -13.05
C GLY B 181 -33.65 -6.74 -13.16
N ASP B 182 -34.26 -7.41 -12.17
CA ASP B 182 -35.70 -7.66 -12.20
C ASP B 182 -36.61 -6.45 -12.10
N GLY B 183 -36.28 -5.47 -11.26
CA GLY B 183 -37.15 -4.30 -11.13
C GLY B 183 -37.30 -3.54 -12.43
N VAL B 184 -36.18 -3.36 -13.15
CA VAL B 184 -36.19 -2.64 -14.41
C VAL B 184 -36.88 -3.47 -15.48
N GLU B 185 -36.57 -4.80 -15.53
CA GLU B 185 -37.21 -5.66 -16.52
C GLU B 185 -38.76 -5.63 -16.32
N GLU B 186 -39.22 -5.76 -15.08
CA GLU B 186 -40.66 -5.76 -14.77
C GLU B 186 -41.34 -4.44 -15.16
N ALA B 187 -40.68 -3.31 -14.87
CA ALA B 187 -41.29 -2.01 -15.16
C ALA B 187 -41.60 -1.82 -16.63
N PHE B 188 -40.75 -2.36 -17.52
CA PHE B 188 -40.94 -2.17 -18.95
C PHE B 188 -41.26 -3.47 -19.72
N TYR B 189 -41.68 -4.53 -19.00
CA TYR B 189 -41.92 -5.83 -19.61
C TYR B 189 -42.90 -5.84 -20.78
N THR B 190 -43.90 -4.93 -20.77
CA THR B 190 -44.89 -4.93 -21.86
C THR B 190 -44.75 -3.79 -22.86
N THR B 191 -43.58 -3.12 -22.88
CA THR B 191 -43.37 -2.07 -23.87
C THR B 191 -42.18 -2.38 -24.75
N ASP B 192 -42.25 -1.89 -25.98
CA ASP B 192 -41.17 -2.00 -26.94
C ASP B 192 -40.30 -0.73 -26.92
N ARG B 193 -40.62 0.28 -26.09
CA ARG B 193 -39.84 1.51 -26.03
C ARG B 193 -38.57 1.39 -25.17
N VAL B 194 -38.40 0.25 -24.47
CA VAL B 194 -37.21 -0.01 -23.69
C VAL B 194 -36.87 -1.47 -23.96
N MET B 195 -35.60 -1.74 -24.28
CA MET B 195 -35.16 -3.12 -24.40
C MET B 195 -34.27 -3.32 -23.16
N THR B 196 -34.50 -4.38 -22.35
CA THR B 196 -33.67 -4.64 -21.17
C THR B 196 -32.83 -5.86 -21.42
N VAL B 197 -31.51 -5.76 -21.20
CA VAL B 197 -30.61 -6.87 -21.46
C VAL B 197 -29.83 -7.11 -20.16
N SER B 198 -29.96 -8.31 -19.58
CA SER B 198 -29.30 -8.60 -18.33
C SER B 198 -28.44 -9.84 -18.46
N PHE B 199 -27.19 -9.78 -17.95
CA PHE B 199 -26.25 -10.92 -17.91
C PHE B 199 -26.11 -11.18 -16.41
N HIS B 200 -26.41 -12.39 -15.96
CA HIS B 200 -26.40 -12.64 -14.51
C HIS B 200 -26.30 -14.08 -14.15
N LYS B 201 -25.96 -14.37 -12.91
CA LYS B 201 -25.92 -15.75 -12.43
CA LYS B 201 -25.91 -15.74 -12.41
C LYS B 201 -27.37 -16.19 -12.28
N TYR B 202 -27.69 -17.38 -12.75
CA TYR B 202 -29.04 -17.89 -12.67
C TYR B 202 -28.99 -19.33 -12.14
N GLY B 203 -29.87 -19.63 -11.18
CA GLY B 203 -29.92 -20.96 -10.56
C GLY B 203 -29.56 -20.88 -9.10
N GLU B 204 -30.56 -21.06 -8.20
CA GLU B 204 -30.39 -20.98 -6.73
C GLU B 204 -29.68 -19.68 -6.36
N TYR B 205 -30.21 -18.55 -6.88
CA TYR B 205 -29.54 -17.28 -6.67
C TYR B 205 -30.54 -16.16 -6.75
N PHE B 206 -30.38 -15.18 -5.87
CA PHE B 206 -31.29 -14.04 -5.83
C PHE B 206 -31.25 -13.27 -7.16
N PRO B 207 -32.39 -12.76 -7.65
CA PRO B 207 -33.76 -12.84 -7.12
C PRO B 207 -34.59 -14.03 -7.67
N GLY B 208 -33.97 -14.95 -8.39
CA GLY B 208 -34.66 -16.13 -8.93
C GLY B 208 -35.35 -15.94 -10.25
N THR B 209 -35.20 -14.76 -10.86
CA THR B 209 -35.81 -14.41 -12.14
C THR B 209 -34.73 -14.27 -13.23
N GLY B 210 -35.12 -13.97 -14.47
CA GLY B 210 -34.17 -13.81 -15.55
C GLY B 210 -33.81 -15.10 -16.23
N ASP B 211 -34.83 -15.95 -16.43
CA ASP B 211 -34.62 -17.18 -17.17
C ASP B 211 -34.45 -16.79 -18.66
N LEU B 212 -33.76 -17.64 -19.43
CA LEU B 212 -33.55 -17.47 -20.87
C LEU B 212 -34.91 -17.28 -21.59
N ARG B 213 -35.96 -17.92 -21.09
CA ARG B 213 -37.30 -17.87 -21.68
C ARG B 213 -38.13 -16.66 -21.29
N ASP B 214 -37.60 -15.77 -20.43
CA ASP B 214 -38.34 -14.56 -20.07
C ASP B 214 -37.94 -13.53 -21.14
N ILE B 215 -38.78 -13.37 -22.16
CA ILE B 215 -38.49 -12.49 -23.29
C ILE B 215 -39.43 -11.30 -23.43
N GLY B 216 -40.31 -11.07 -22.48
CA GLY B 216 -41.26 -9.96 -22.57
C GLY B 216 -42.66 -10.45 -22.88
N ALA B 217 -43.65 -9.56 -22.77
CA ALA B 217 -45.05 -9.92 -23.04
C ALA B 217 -45.77 -8.81 -23.81
N GLY B 218 -46.83 -9.17 -24.55
CA GLY B 218 -47.59 -8.21 -25.34
C GLY B 218 -46.73 -7.46 -26.34
N LYS B 219 -46.85 -6.12 -26.40
CA LYS B 219 -46.01 -5.32 -27.30
C LYS B 219 -44.49 -5.45 -26.93
N GLY B 220 -44.21 -5.87 -25.70
CA GLY B 220 -42.84 -6.06 -25.21
C GLY B 220 -42.25 -7.41 -25.56
N LYS B 221 -42.99 -8.30 -26.27
CA LYS B 221 -42.43 -9.61 -26.63
C LYS B 221 -41.22 -9.44 -27.51
N TYR B 222 -40.08 -10.03 -27.08
CA TYR B 222 -38.75 -9.97 -27.71
C TYR B 222 -37.93 -8.72 -27.24
N TYR B 223 -38.50 -7.90 -26.35
CA TYR B 223 -37.79 -6.70 -25.87
C TYR B 223 -37.19 -6.86 -24.47
N ALA B 224 -37.11 -8.10 -23.96
CA ALA B 224 -36.44 -8.43 -22.69
C ALA B 224 -35.48 -9.54 -23.08
N VAL B 225 -34.20 -9.40 -22.73
CA VAL B 225 -33.17 -10.36 -23.08
C VAL B 225 -32.45 -10.74 -21.80
N ASN B 226 -32.34 -12.05 -21.53
CA ASN B 226 -31.69 -12.54 -20.34
C ASN B 226 -30.64 -13.58 -20.71
N PHE B 227 -29.38 -13.39 -20.25
CA PHE B 227 -28.33 -14.36 -20.49
C PHE B 227 -27.99 -14.97 -19.13
N PRO B 228 -28.57 -16.14 -18.81
CA PRO B 228 -28.28 -16.79 -17.52
C PRO B 228 -26.93 -17.49 -17.54
N MET B 229 -26.14 -17.27 -16.50
N MET B 229 -26.14 -17.25 -16.50
CA MET B 229 -24.81 -17.86 -16.40
CA MET B 229 -24.79 -17.78 -16.36
C MET B 229 -24.62 -18.65 -15.11
C MET B 229 -24.59 -18.60 -15.09
N ARG B 230 -23.56 -19.46 -15.09
CA ARG B 230 -23.20 -20.26 -13.94
C ARG B 230 -21.93 -19.62 -13.31
N ASP B 231 -21.51 -20.17 -12.18
CA ASP B 231 -20.34 -19.65 -11.49
C ASP B 231 -19.08 -19.65 -12.33
N GLY B 232 -18.18 -18.74 -11.99
CA GLY B 232 -16.85 -18.78 -12.56
C GLY B 232 -16.57 -18.20 -13.92
N ILE B 233 -17.54 -17.46 -14.51
N ILE B 233 -17.54 -17.45 -14.50
CA ILE B 233 -17.29 -16.84 -15.81
CA ILE B 233 -17.30 -16.84 -15.81
C ILE B 233 -16.08 -15.92 -15.74
C ILE B 233 -16.07 -15.90 -15.74
N ASP B 234 -15.21 -15.97 -16.74
CA ASP B 234 -13.99 -15.17 -16.73
C ASP B 234 -14.01 -14.09 -17.83
N ASP B 235 -12.96 -13.26 -17.88
CA ASP B 235 -12.90 -12.18 -18.86
C ASP B 235 -13.08 -12.61 -20.30
N GLU B 236 -12.35 -13.68 -20.69
CA GLU B 236 -12.41 -14.12 -22.07
C GLU B 236 -13.80 -14.60 -22.45
N SER B 237 -14.39 -15.44 -21.61
CA SER B 237 -15.72 -15.98 -21.90
CA SER B 237 -15.70 -15.98 -21.92
C SER B 237 -16.79 -14.91 -21.88
N TYR B 238 -16.75 -14.01 -20.89
CA TYR B 238 -17.75 -12.95 -20.80
C TYR B 238 -17.65 -12.03 -22.00
N GLY B 239 -16.43 -11.64 -22.35
CA GLY B 239 -16.23 -10.72 -23.45
C GLY B 239 -16.68 -11.28 -24.78
N GLN B 240 -16.49 -12.61 -24.96
CA GLN B 240 -16.86 -13.31 -26.20
C GLN B 240 -18.36 -13.36 -26.40
N ILE B 241 -19.18 -13.20 -25.35
CA ILE B 241 -20.63 -13.17 -25.56
C ILE B 241 -21.19 -11.75 -25.46
N PHE B 242 -20.57 -10.87 -24.64
CA PHE B 242 -21.10 -9.52 -24.48
C PHE B 242 -21.05 -8.73 -25.79
N LYS B 243 -19.86 -8.70 -26.44
CA LYS B 243 -19.75 -7.91 -27.68
C LYS B 243 -20.72 -8.39 -28.78
N PRO B 244 -20.81 -9.70 -29.12
CA PRO B 244 -21.76 -10.09 -30.19
C PRO B 244 -23.21 -9.86 -29.84
N ILE B 245 -23.58 -10.10 -28.58
CA ILE B 245 -24.98 -9.90 -28.18
C ILE B 245 -25.34 -8.40 -28.24
N ILE B 246 -24.50 -7.54 -27.63
CA ILE B 246 -24.77 -6.10 -27.67
C ILE B 246 -24.74 -5.57 -29.11
N SER B 247 -23.82 -6.07 -29.96
CA SER B 247 -23.77 -5.60 -31.35
C SER B 247 -25.06 -5.97 -32.10
N LYS B 248 -25.59 -7.18 -31.87
CA LYS B 248 -26.83 -7.62 -32.53
C LYS B 248 -28.00 -6.81 -32.00
N VAL B 249 -28.03 -6.55 -30.68
CA VAL B 249 -29.10 -5.73 -30.09
C VAL B 249 -29.06 -4.33 -30.71
N MET B 250 -27.88 -3.74 -30.86
CA MET B 250 -27.76 -2.40 -31.44
C MET B 250 -28.26 -2.39 -32.88
N GLU B 251 -27.86 -3.42 -33.66
CA GLU B 251 -28.29 -3.57 -35.06
C GLU B 251 -29.81 -3.69 -35.20
N MET B 252 -30.44 -4.56 -34.42
CA MET B 252 -31.88 -4.78 -34.53
C MET B 252 -32.77 -3.72 -33.90
N TYR B 253 -32.38 -3.25 -32.70
CA TYR B 253 -33.19 -2.33 -31.93
C TYR B 253 -32.94 -0.86 -32.25
N GLN B 254 -31.73 -0.49 -32.66
CA GLN B 254 -31.36 0.90 -33.00
C GLN B 254 -31.81 1.91 -31.93
N PRO B 255 -31.36 1.72 -30.67
CA PRO B 255 -31.77 2.66 -29.62
C PRO B 255 -31.11 4.03 -29.80
N SER B 256 -31.70 5.09 -29.23
CA SER B 256 -31.06 6.41 -29.34
C SER B 256 -30.40 6.85 -28.03
N ALA B 257 -30.49 6.04 -26.96
CA ALA B 257 -29.84 6.34 -25.69
C ALA B 257 -29.64 5.00 -24.97
N VAL B 258 -28.65 4.93 -24.10
CA VAL B 258 -28.32 3.68 -23.41
C VAL B 258 -28.10 3.96 -21.94
N VAL B 259 -28.55 3.02 -21.11
CA VAL B 259 -28.34 3.08 -19.66
C VAL B 259 -27.59 1.81 -19.32
N LEU B 260 -26.41 1.94 -18.68
CA LEU B 260 -25.59 0.76 -18.35
C LEU B 260 -25.44 0.67 -16.84
N GLN B 261 -25.95 -0.41 -16.23
CA GLN B 261 -25.82 -0.62 -14.79
C GLN B 261 -24.52 -1.42 -14.65
N CYS B 262 -23.56 -0.87 -13.88
CA CYS B 262 -22.21 -1.42 -13.75
C CYS B 262 -21.97 -2.10 -12.42
N GLY B 263 -22.96 -2.84 -11.90
CA GLY B 263 -22.79 -3.55 -10.62
C GLY B 263 -21.47 -4.33 -10.57
N ALA B 264 -20.65 -4.05 -9.54
CA ALA B 264 -19.30 -4.60 -9.43
C ALA B 264 -19.20 -5.94 -8.69
N ASP B 265 -20.34 -6.52 -8.37
CA ASP B 265 -20.38 -7.83 -7.72
C ASP B 265 -20.15 -8.98 -8.71
N SER B 266 -19.98 -8.67 -10.02
CA SER B 266 -19.60 -9.65 -11.01
C SER B 266 -18.03 -9.82 -11.04
N LEU B 267 -17.30 -9.10 -10.16
CA LEU B 267 -15.85 -9.21 -10.10
C LEU B 267 -15.42 -10.40 -9.27
N SER B 268 -14.24 -10.94 -9.61
CA SER B 268 -13.63 -12.02 -8.88
C SER B 268 -13.44 -11.57 -7.41
N GLY B 269 -13.69 -12.47 -6.47
CA GLY B 269 -13.48 -12.17 -5.07
C GLY B 269 -14.59 -11.39 -4.36
N ASP B 270 -15.72 -11.16 -5.06
CA ASP B 270 -16.82 -10.43 -4.43
C ASP B 270 -17.40 -11.22 -3.26
N ARG B 271 -17.75 -10.53 -2.16
CA ARG B 271 -18.30 -11.21 -0.97
C ARG B 271 -19.59 -11.96 -1.24
N LEU B 272 -20.42 -11.47 -2.16
CA LEU B 272 -21.70 -12.12 -2.47
C LEU B 272 -21.72 -12.80 -3.83
N GLY B 273 -20.85 -12.39 -4.73
CA GLY B 273 -20.84 -12.94 -6.09
C GLY B 273 -19.96 -14.15 -6.27
N CYS B 274 -20.16 -14.85 -7.39
CA CYS B 274 -19.47 -16.09 -7.73
C CYS B 274 -18.90 -16.06 -9.14
N PHE B 275 -18.63 -14.87 -9.71
CA PHE B 275 -18.01 -14.76 -11.03
C PHE B 275 -16.49 -14.54 -10.86
N ASN B 276 -15.76 -14.53 -11.97
CA ASN B 276 -14.32 -14.40 -11.96
C ASN B 276 -13.80 -13.35 -12.93
N LEU B 277 -14.50 -12.21 -13.03
CA LEU B 277 -14.04 -11.14 -13.89
C LEU B 277 -12.99 -10.26 -13.21
N THR B 278 -12.09 -9.68 -13.99
CA THR B 278 -11.17 -8.70 -13.45
C THR B 278 -11.80 -7.31 -13.72
N VAL B 279 -11.17 -6.24 -13.21
CA VAL B 279 -11.64 -4.88 -13.47
C VAL B 279 -11.53 -4.60 -15.00
N LYS B 280 -10.46 -5.10 -15.67
CA LYS B 280 -10.36 -4.92 -17.12
C LYS B 280 -11.49 -5.64 -17.86
N GLY B 281 -11.85 -6.85 -17.42
CA GLY B 281 -12.93 -7.58 -18.09
C GLY B 281 -14.30 -6.94 -17.89
N HIS B 282 -14.52 -6.38 -16.70
CA HIS B 282 -15.77 -5.71 -16.40
C HIS B 282 -15.82 -4.41 -17.24
N ALA B 283 -14.74 -3.61 -17.21
CA ALA B 283 -14.66 -2.33 -17.94
C ALA B 283 -14.71 -2.48 -19.45
N LYS B 284 -14.36 -3.68 -19.99
CA LYS B 284 -14.47 -3.91 -21.43
C LYS B 284 -15.94 -3.71 -21.88
N CYS B 285 -16.92 -3.97 -20.98
CA CYS B 285 -18.32 -3.76 -21.29
C CYS B 285 -18.59 -2.27 -21.56
N VAL B 286 -17.97 -1.38 -20.75
CA VAL B 286 -18.13 0.05 -20.93
C VAL B 286 -17.51 0.44 -22.27
N GLU B 287 -16.30 -0.08 -22.55
CA GLU B 287 -15.61 0.21 -23.80
CA GLU B 287 -15.62 0.21 -23.81
C GLU B 287 -16.48 -0.19 -25.01
N VAL B 288 -17.06 -1.40 -24.98
CA VAL B 288 -17.91 -1.87 -26.08
C VAL B 288 -19.13 -0.97 -26.31
N VAL B 289 -19.84 -0.61 -25.24
CA VAL B 289 -21.02 0.23 -25.33
C VAL B 289 -20.65 1.61 -25.88
N LYS B 290 -19.48 2.15 -25.46
CA LYS B 290 -19.07 3.48 -25.98
C LYS B 290 -18.83 3.49 -27.49
N THR B 291 -18.44 2.34 -28.09
CA THR B 291 -18.18 2.33 -29.55
C THR B 291 -19.40 2.69 -30.39
N PHE B 292 -20.62 2.56 -29.82
CA PHE B 292 -21.84 2.89 -30.56
C PHE B 292 -22.18 4.39 -30.59
N ASN B 293 -21.37 5.23 -29.88
CA ASN B 293 -21.51 6.67 -29.89
C ASN B 293 -22.93 7.16 -29.61
N LEU B 294 -23.56 6.59 -28.60
CA LEU B 294 -24.90 6.98 -28.21
C LEU B 294 -24.85 7.62 -26.82
N PRO B 295 -25.80 8.55 -26.51
CA PRO B 295 -25.87 9.14 -25.16
C PRO B 295 -25.92 8.00 -24.13
N LEU B 296 -25.06 8.05 -23.12
CA LEU B 296 -24.94 6.95 -22.18
C LEU B 296 -24.97 7.41 -20.73
N LEU B 297 -25.83 6.74 -19.92
CA LEU B 297 -25.96 6.99 -18.49
C LEU B 297 -25.32 5.76 -17.84
N MET B 298 -24.20 5.94 -17.10
CA MET B 298 -23.51 4.84 -16.43
CA MET B 298 -23.49 4.85 -16.44
C MET B 298 -23.86 4.90 -14.96
N LEU B 299 -24.36 3.78 -14.40
CA LEU B 299 -24.77 3.76 -12.99
C LEU B 299 -24.07 2.67 -12.21
N GLY B 300 -24.11 2.78 -10.89
CA GLY B 300 -23.52 1.76 -10.03
C GLY B 300 -24.43 0.56 -9.86
N GLY B 301 -24.44 -0.02 -8.67
CA GLY B 301 -25.26 -1.20 -8.40
C GLY B 301 -24.60 -1.96 -7.28
N GLY B 302 -24.56 -3.28 -7.39
CA GLY B 302 -23.95 -4.10 -6.36
C GLY B 302 -22.43 -4.00 -6.31
N GLY B 303 -21.82 -4.75 -5.41
CA GLY B 303 -20.36 -4.73 -5.22
C GLY B 303 -20.16 -4.69 -3.73
N TYR B 304 -19.61 -5.79 -3.21
CA TYR B 304 -19.52 -6.04 -1.77
C TYR B 304 -18.10 -6.25 -1.20
N THR B 305 -17.05 -6.27 -2.05
CA THR B 305 -15.63 -6.28 -1.59
C THR B 305 -15.25 -4.86 -1.96
N ILE B 306 -15.43 -3.93 -1.02
CA ILE B 306 -15.41 -2.51 -1.34
C ILE B 306 -14.13 -1.98 -1.93
N ARG B 307 -12.95 -2.53 -1.59
CA ARG B 307 -11.71 -2.05 -2.26
C ARG B 307 -11.80 -2.32 -3.78
N ASN B 308 -12.41 -3.47 -4.16
CA ASN B 308 -12.53 -3.81 -5.59
C ASN B 308 -13.58 -2.99 -6.29
N VAL B 309 -14.64 -2.60 -5.56
CA VAL B 309 -15.67 -1.73 -6.14
C VAL B 309 -15.05 -0.37 -6.47
N ALA B 310 -14.24 0.17 -5.52
CA ALA B 310 -13.59 1.48 -5.75
C ALA B 310 -12.66 1.38 -6.97
N ARG B 311 -11.91 0.27 -7.07
CA ARG B 311 -11.01 0.09 -8.23
C ARG B 311 -11.83 0.06 -9.53
N CYS B 312 -12.88 -0.74 -9.54
CA CYS B 312 -13.70 -0.94 -10.72
C CYS B 312 -14.31 0.35 -11.26
N TRP B 313 -14.98 1.09 -10.37
CA TRP B 313 -15.66 2.31 -10.79
C TRP B 313 -14.69 3.46 -11.09
N THR B 314 -13.51 3.46 -10.44
CA THR B 314 -12.46 4.45 -10.77
C THR B 314 -11.98 4.14 -12.19
N TYR B 315 -11.68 2.86 -12.48
CA TYR B 315 -11.20 2.52 -13.83
C TYR B 315 -12.27 2.80 -14.89
N GLU B 316 -13.54 2.49 -14.59
CA GLU B 316 -14.62 2.75 -15.56
C GLU B 316 -14.86 4.23 -15.80
N THR B 317 -14.57 5.09 -14.79
CA THR B 317 -14.69 6.54 -15.00
C THR B 317 -13.55 6.95 -15.96
N ALA B 318 -12.33 6.41 -15.75
CA ALA B 318 -11.19 6.68 -16.66
C ALA B 318 -11.54 6.22 -18.08
N VAL B 319 -12.20 5.05 -18.23
CA VAL B 319 -12.60 4.55 -19.55
C VAL B 319 -13.60 5.56 -20.19
N ALA B 320 -14.60 6.04 -19.41
CA ALA B 320 -15.56 7.04 -19.92
C ALA B 320 -14.82 8.29 -20.43
N LEU B 321 -13.76 8.67 -19.73
CA LEU B 321 -12.95 9.85 -20.07
C LEU B 321 -11.90 9.59 -21.16
N ASP B 322 -11.78 8.34 -21.61
CA ASP B 322 -10.82 7.97 -22.64
C ASP B 322 -9.41 8.25 -22.19
N CYS B 323 -9.12 7.87 -20.94
CA CYS B 323 -7.84 8.10 -20.28
CA CYS B 323 -7.76 8.00 -20.48
C CYS B 323 -7.34 6.80 -19.70
N GLU B 324 -6.04 6.58 -19.72
CA GLU B 324 -5.50 5.45 -19.01
C GLU B 324 -4.93 6.05 -17.73
N ILE B 325 -4.91 5.24 -16.71
CA ILE B 325 -4.37 5.61 -15.41
C ILE B 325 -3.40 4.50 -14.99
N PRO B 326 -2.36 4.85 -14.22
CA PRO B 326 -1.39 3.83 -13.82
C PRO B 326 -1.95 2.76 -12.90
N ASN B 327 -1.34 1.57 -12.93
CA ASN B 327 -1.73 0.50 -12.03
C ASN B 327 -1.32 0.83 -10.60
N GLU B 328 -0.23 1.61 -10.41
CA GLU B 328 0.21 2.02 -9.09
C GLU B 328 -0.85 2.99 -8.51
N LEU B 329 -1.49 2.61 -7.39
CA LEU B 329 -2.51 3.51 -6.83
C LEU B 329 -1.86 4.74 -6.25
N PRO B 330 -2.47 5.92 -6.45
CA PRO B 330 -1.95 7.11 -5.80
C PRO B 330 -2.32 7.05 -4.32
N TYR B 331 -1.61 7.83 -3.49
CA TYR B 331 -1.95 7.93 -2.07
C TYR B 331 -3.38 8.55 -1.99
N ASN B 332 -4.19 8.12 -1.03
CA ASN B 332 -5.55 8.59 -0.90
C ASN B 332 -6.02 8.36 0.54
N ASP B 333 -7.21 8.89 0.88
CA ASP B 333 -7.71 8.81 2.24
C ASP B 333 -7.92 7.39 2.75
N TYR B 334 -8.08 6.42 1.85
CA TYR B 334 -8.34 5.03 2.24
C TYR B 334 -7.23 4.11 1.74
N PHE B 335 -5.99 4.62 1.63
CA PHE B 335 -4.90 3.86 1.05
C PHE B 335 -4.71 2.48 1.63
N GLU B 336 -4.82 2.37 2.97
CA GLU B 336 -4.64 1.08 3.65
C GLU B 336 -5.68 0.01 3.25
N TYR B 337 -6.83 0.44 2.71
CA TYR B 337 -7.85 -0.52 2.30
C TYR B 337 -7.39 -1.32 1.06
N PHE B 338 -6.40 -0.81 0.30
CA PHE B 338 -5.98 -1.44 -0.94
C PHE B 338 -4.78 -2.35 -0.84
N GLY B 339 -4.36 -2.68 0.39
CA GLY B 339 -3.30 -3.65 0.56
C GLY B 339 -3.83 -5.03 0.19
N PRO B 340 -2.93 -6.01 0.03
CA PRO B 340 -1.47 -5.90 0.26
C PRO B 340 -0.65 -5.32 -0.87
N ASP B 341 -1.25 -5.20 -2.06
CA ASP B 341 -0.58 -4.79 -3.28
C ASP B 341 -0.65 -3.31 -3.66
N PHE B 342 -1.72 -2.60 -3.24
CA PHE B 342 -1.86 -1.17 -3.60
C PHE B 342 -1.84 -0.93 -5.12
N LYS B 343 -2.41 -1.90 -5.88
CA LYS B 343 -2.54 -1.77 -7.34
C LYS B 343 -4.01 -1.55 -7.68
N LEU B 344 -4.28 -1.01 -8.88
CA LEU B 344 -5.64 -0.76 -9.32
C LEU B 344 -6.27 -2.04 -9.84
N HIS B 345 -5.51 -2.80 -10.64
CA HIS B 345 -6.01 -4.00 -11.29
C HIS B 345 -5.95 -5.24 -10.41
N ILE B 346 -6.91 -6.16 -10.65
CA ILE B 346 -6.99 -7.39 -9.85
C ILE B 346 -6.78 -8.60 -10.75
N SER B 347 -6.37 -9.70 -10.12
CA SER B 347 -6.13 -10.93 -10.85
C SER B 347 -7.29 -11.89 -10.63
N PRO B 348 -7.58 -12.74 -11.61
CA PRO B 348 -8.66 -13.73 -11.41
C PRO B 348 -8.18 -14.84 -10.45
N SER B 349 -9.12 -15.57 -9.88
CA SER B 349 -8.80 -16.69 -9.00
C SER B 349 -8.71 -17.98 -9.85
N ASN B 350 -8.43 -19.11 -9.19
CA ASN B 350 -8.37 -20.41 -9.86
C ASN B 350 -9.74 -21.09 -9.89
N MET B 351 -10.86 -20.37 -9.59
CA MET B 351 -12.17 -21.03 -9.61
C MET B 351 -12.51 -21.59 -10.99
N THR B 352 -13.20 -22.73 -11.01
CA THR B 352 -13.60 -23.35 -12.27
C THR B 352 -14.65 -22.49 -12.96
N ASN B 353 -14.51 -22.31 -14.27
CA ASN B 353 -15.53 -21.61 -15.04
C ASN B 353 -16.55 -22.71 -15.42
N GLN B 354 -17.73 -22.70 -14.79
CA GLN B 354 -18.75 -23.72 -15.06
C GLN B 354 -19.52 -23.47 -16.38
N ASN B 355 -19.31 -22.31 -17.01
CA ASN B 355 -19.93 -21.96 -18.28
C ASN B 355 -19.06 -22.58 -19.36
N THR B 356 -19.38 -23.80 -19.79
CA THR B 356 -18.58 -24.43 -20.83
C THR B 356 -18.70 -23.65 -22.14
N PRO B 357 -17.72 -23.79 -23.06
CA PRO B 357 -17.84 -23.10 -24.36
C PRO B 357 -19.12 -23.46 -25.12
N GLU B 358 -19.56 -24.74 -25.02
CA GLU B 358 -20.76 -25.18 -25.70
C GLU B 358 -22.00 -24.59 -25.05
N TYR B 359 -22.01 -24.46 -23.70
CA TYR B 359 -23.13 -23.83 -23.00
C TYR B 359 -23.25 -22.37 -23.47
N MET B 360 -22.11 -21.65 -23.50
CA MET B 360 -22.13 -20.24 -23.93
CA MET B 360 -22.13 -20.24 -23.93
C MET B 360 -22.62 -20.06 -25.36
N GLU B 361 -22.13 -20.90 -26.29
CA GLU B 361 -22.57 -20.77 -27.68
C GLU B 361 -24.02 -21.16 -27.86
N LYS B 362 -24.49 -22.16 -27.11
CA LYS B 362 -25.88 -22.58 -27.25
C LYS B 362 -26.83 -21.48 -26.77
N ILE B 363 -26.52 -20.84 -25.63
CA ILE B 363 -27.38 -19.77 -25.13
C ILE B 363 -27.33 -18.57 -26.07
N LYS B 364 -26.13 -18.23 -26.57
CA LYS B 364 -25.97 -17.13 -27.52
C LYS B 364 -26.82 -17.39 -28.78
N GLN B 365 -26.82 -18.63 -29.27
CA GLN B 365 -27.60 -18.96 -30.46
C GLN B 365 -29.10 -18.82 -30.18
N ARG B 366 -29.58 -19.25 -29.00
CA ARG B 366 -31.00 -19.11 -28.66
C ARG B 366 -31.36 -17.61 -28.58
N LEU B 367 -30.48 -16.76 -27.99
CA LEU B 367 -30.76 -15.32 -27.91
C LEU B 367 -30.75 -14.68 -29.29
N PHE B 368 -29.84 -15.12 -30.17
CA PHE B 368 -29.78 -14.60 -31.52
C PHE B 368 -31.09 -14.92 -32.28
N GLU B 369 -31.70 -16.09 -32.02
CA GLU B 369 -32.97 -16.45 -32.64
C GLU B 369 -34.06 -15.48 -32.19
N ASN B 370 -34.06 -15.09 -30.91
CA ASN B 370 -35.04 -14.14 -30.40
C ASN B 370 -34.80 -12.75 -30.96
N LEU B 371 -33.54 -12.35 -31.10
CA LEU B 371 -33.22 -11.02 -31.63
C LEU B 371 -33.63 -10.89 -33.10
N ARG B 372 -33.56 -12.00 -33.86
CA ARG B 372 -33.99 -11.98 -35.26
C ARG B 372 -35.52 -11.81 -35.42
N MET B 373 -36.30 -12.03 -34.35
CA MET B 373 -37.75 -11.85 -34.34
C MET B 373 -38.16 -10.37 -34.18
N LEU B 374 -37.20 -9.45 -33.97
CA LEU B 374 -37.50 -8.02 -33.85
C LEU B 374 -37.79 -7.46 -35.26
N PRO B 375 -38.67 -6.44 -35.40
CA PRO B 375 -38.97 -5.89 -36.74
C PRO B 375 -37.80 -5.13 -37.36
N LYS C 10 9.27 -37.93 -13.74
CA LYS C 10 8.93 -36.52 -13.54
C LYS C 10 9.23 -35.72 -14.80
N LYS C 11 8.24 -34.95 -15.25
CA LYS C 11 8.33 -34.14 -16.46
C LYS C 11 9.07 -32.83 -16.21
N VAL C 12 9.98 -32.46 -17.12
CA VAL C 12 10.76 -31.25 -17.02
C VAL C 12 10.55 -30.36 -18.25
N CYS C 13 10.16 -29.11 -18.03
CA CYS C 13 9.98 -28.11 -19.09
C CYS C 13 11.12 -27.11 -18.95
N TYR C 14 11.69 -26.69 -20.07
CA TYR C 14 12.86 -25.82 -20.10
C TYR C 14 12.64 -24.60 -20.96
N TYR C 15 12.90 -23.39 -20.41
CA TYR C 15 12.67 -22.13 -21.12
C TYR C 15 13.96 -21.50 -21.55
N TYR C 16 14.06 -21.18 -22.85
CA TYR C 16 15.27 -20.60 -23.39
C TYR C 16 14.99 -19.87 -24.67
N ASP C 17 15.59 -18.68 -24.82
CA ASP C 17 15.48 -17.92 -26.05
C ASP C 17 16.90 -17.78 -26.58
N GLY C 18 17.12 -18.21 -27.82
CA GLY C 18 18.43 -18.16 -28.46
C GLY C 18 19.14 -16.82 -28.55
N ASP C 19 18.44 -15.71 -28.28
CA ASP C 19 19.06 -14.38 -28.31
C ASP C 19 19.57 -13.93 -26.92
N ILE C 20 19.18 -14.63 -25.85
CA ILE C 20 19.56 -14.24 -24.49
C ILE C 20 21.07 -14.05 -24.31
N GLY C 21 21.88 -14.92 -24.93
CA GLY C 21 23.32 -14.84 -24.80
C GLY C 21 23.96 -13.64 -25.48
N ASN C 22 23.19 -12.91 -26.31
CA ASN C 22 23.73 -11.74 -27.01
C ASN C 22 23.65 -10.42 -26.23
N TYR C 23 22.90 -10.39 -25.10
CA TYR C 23 22.83 -9.17 -24.30
C TYR C 23 24.16 -8.97 -23.59
N TYR C 24 24.62 -7.73 -23.56
CA TYR C 24 25.92 -7.40 -23.01
C TYR C 24 25.83 -6.26 -22.04
N TYR C 25 26.22 -6.50 -20.77
CA TYR C 25 26.15 -5.46 -19.75
C TYR C 25 27.19 -4.35 -19.90
N GLY C 26 28.24 -4.58 -20.68
CA GLY C 26 29.29 -3.58 -20.86
C GLY C 26 30.66 -4.01 -20.39
N GLN C 27 31.68 -3.25 -20.83
CA GLN C 27 33.09 -3.46 -20.51
C GLN C 27 33.34 -3.53 -19.02
N GLY C 28 33.92 -4.63 -18.58
CA GLY C 28 34.29 -4.80 -17.17
C GLY C 28 33.18 -5.24 -16.25
N HIS C 29 31.94 -5.39 -16.77
CA HIS C 29 30.83 -5.82 -15.92
C HIS C 29 30.86 -7.34 -15.79
N PRO C 30 30.81 -7.85 -14.55
CA PRO C 30 30.90 -9.31 -14.36
C PRO C 30 29.69 -10.11 -14.82
N MET C 31 28.50 -9.50 -14.96
CA MET C 31 27.31 -10.25 -15.41
C MET C 31 27.40 -10.53 -16.91
N LYS C 32 27.44 -11.81 -17.27
CA LYS C 32 27.58 -12.23 -18.66
C LYS C 32 26.49 -13.17 -19.15
N PRO C 33 25.45 -12.62 -19.79
CA PRO C 33 24.37 -13.48 -20.32
C PRO C 33 24.82 -14.61 -21.25
N HIS C 34 26.03 -14.50 -21.82
CA HIS C 34 26.61 -15.55 -22.66
C HIS C 34 26.70 -16.88 -21.88
N ARG C 35 26.83 -16.81 -20.54
CA ARG C 35 26.89 -18.03 -19.71
C ARG C 35 25.64 -18.91 -19.90
N ILE C 36 24.48 -18.30 -20.23
N ILE C 36 24.47 -18.31 -20.23
CA ILE C 36 23.23 -19.04 -20.46
CA ILE C 36 23.25 -19.08 -20.44
C ILE C 36 23.34 -19.84 -21.76
C ILE C 36 23.34 -19.86 -21.76
N ARG C 37 23.95 -19.25 -22.80
CA ARG C 37 24.12 -19.92 -24.07
C ARG C 37 25.15 -21.05 -23.91
N MET C 38 26.22 -20.84 -23.12
CA MET C 38 27.22 -21.88 -22.85
C MET C 38 26.55 -23.06 -22.13
N THR C 39 25.70 -22.75 -21.14
CA THR C 39 24.98 -23.79 -20.41
C THR C 39 24.07 -24.59 -21.37
N HIS C 40 23.33 -23.86 -22.23
CA HIS C 40 22.42 -24.47 -23.19
C HIS C 40 23.14 -25.42 -24.16
N ASN C 41 24.26 -24.98 -24.69
CA ASN C 41 25.01 -25.78 -25.66
C ASN C 41 25.60 -27.03 -25.00
N LEU C 42 26.06 -26.90 -23.75
CA LEU C 42 26.61 -28.03 -23.03
C LEU C 42 25.52 -29.08 -22.77
N LEU C 43 24.35 -28.64 -22.26
CA LEU C 43 23.27 -29.59 -21.99
C LEU C 43 22.69 -30.19 -23.29
N LEU C 44 22.76 -29.44 -24.42
CA LEU C 44 22.30 -29.93 -25.71
C LEU C 44 23.23 -31.09 -26.14
N ASN C 45 24.55 -30.89 -26.01
CA ASN C 45 25.56 -31.87 -26.41
C ASN C 45 25.63 -33.10 -25.48
N TYR C 46 25.11 -32.98 -24.25
CA TYR C 46 25.06 -34.12 -23.33
C TYR C 46 23.84 -35.02 -23.61
N GLY C 47 22.91 -34.57 -24.47
CA GLY C 47 21.70 -35.30 -24.81
C GLY C 47 20.53 -35.00 -23.87
N LEU C 48 20.65 -33.95 -23.04
CA LEU C 48 19.61 -33.59 -22.07
C LEU C 48 18.48 -32.79 -22.68
N TYR C 49 18.79 -31.94 -23.68
CA TYR C 49 17.83 -31.10 -24.40
C TYR C 49 16.68 -31.95 -24.96
N ARG C 50 17.03 -33.12 -25.52
CA ARG C 50 16.10 -34.09 -26.10
C ARG C 50 15.10 -34.67 -25.08
N LYS C 51 15.50 -34.79 -23.81
CA LYS C 51 14.64 -35.36 -22.76
C LYS C 51 13.68 -34.36 -22.10
N MET C 52 13.75 -33.08 -22.48
CA MET C 52 12.88 -32.06 -21.90
C MET C 52 11.95 -31.45 -22.93
N GLU C 53 10.84 -30.86 -22.46
CA GLU C 53 9.94 -30.15 -23.35
C GLU C 53 10.56 -28.76 -23.42
N ILE C 54 10.93 -28.33 -24.63
CA ILE C 54 11.60 -27.05 -24.84
C ILE C 54 10.66 -25.94 -25.25
N TYR C 55 10.77 -24.77 -24.61
CA TYR C 55 9.91 -23.64 -24.95
C TYR C 55 10.69 -22.35 -25.08
N ARG C 56 10.36 -21.57 -26.10
CA ARG C 56 10.94 -20.26 -26.30
C ARG C 56 9.94 -19.37 -25.58
N PRO C 57 10.36 -18.69 -24.50
CA PRO C 57 9.40 -17.89 -23.74
C PRO C 57 8.90 -16.65 -24.45
N HIS C 58 7.61 -16.37 -24.32
CA HIS C 58 7.03 -15.14 -24.87
C HIS C 58 7.55 -14.00 -23.98
N LYS C 59 7.86 -12.86 -24.58
CA LYS C 59 8.34 -11.69 -23.83
C LYS C 59 7.27 -11.23 -22.85
N ALA C 60 7.63 -11.04 -21.56
CA ALA C 60 6.66 -10.55 -20.57
C ALA C 60 6.29 -9.12 -20.95
N THR C 61 5.00 -8.75 -20.84
CA THR C 61 4.59 -7.40 -21.20
C THR C 61 4.90 -6.43 -20.07
N ALA C 62 4.98 -5.11 -20.40
CA ALA C 62 5.14 -4.05 -19.41
C ALA C 62 3.98 -4.14 -18.38
N GLU C 63 2.76 -4.50 -18.85
CA GLU C 63 1.57 -4.66 -18.01
C GLU C 63 1.75 -5.80 -17.02
N GLU C 64 2.33 -6.93 -17.44
CA GLU C 64 2.59 -8.06 -16.54
C GLU C 64 3.58 -7.58 -15.44
N MET C 65 4.60 -6.84 -15.84
CA MET C 65 5.59 -6.33 -14.89
C MET C 65 5.01 -5.40 -13.85
N THR C 66 3.99 -4.59 -14.23
CA THR C 66 3.42 -3.67 -13.25
C THR C 66 2.49 -4.36 -12.24
N LYS C 67 2.33 -5.70 -12.30
CA LYS C 67 1.61 -6.40 -11.23
C LYS C 67 2.41 -6.24 -9.92
N TYR C 68 3.75 -5.97 -10.03
CA TYR C 68 4.61 -5.76 -8.88
C TYR C 68 5.32 -4.41 -8.97
N HIS C 69 6.05 -4.17 -10.06
CA HIS C 69 6.82 -2.94 -10.20
C HIS C 69 5.97 -1.70 -10.44
N SER C 70 6.51 -0.54 -10.07
CA SER C 70 5.75 0.70 -10.30
C SER C 70 5.68 1.04 -11.80
N ASP C 71 4.61 1.73 -12.22
CA ASP C 71 4.48 2.10 -13.63
C ASP C 71 5.61 3.02 -14.06
N GLU C 72 5.99 4.00 -13.23
CA GLU C 72 7.04 4.94 -13.59
C GLU C 72 8.37 4.22 -13.78
N TYR C 73 8.65 3.20 -12.94
CA TYR C 73 9.91 2.45 -13.06
C TYR C 73 9.94 1.62 -14.36
N ILE C 74 8.84 0.93 -14.68
CA ILE C 74 8.77 0.12 -15.89
C ILE C 74 8.82 1.02 -17.13
N LYS C 75 8.16 2.19 -17.08
CA LYS C 75 8.18 3.13 -18.22
C LYS C 75 9.62 3.60 -18.46
N PHE C 76 10.36 3.85 -17.38
CA PHE C 76 11.76 4.25 -17.47
C PHE C 76 12.57 3.13 -18.11
N LEU C 77 12.37 1.87 -17.68
CA LEU C 77 13.13 0.74 -18.28
C LEU C 77 12.83 0.59 -19.76
N ARG C 78 11.59 0.87 -20.17
CA ARG C 78 11.20 0.76 -21.59
C ARG C 78 11.75 1.90 -22.42
N SER C 79 12.06 3.05 -21.80
CA SER C 79 12.46 4.25 -22.50
C SER C 79 13.95 4.53 -22.57
N ILE C 80 14.69 4.20 -21.50
CA ILE C 80 16.13 4.49 -21.42
C ILE C 80 16.95 3.74 -22.47
N ARG C 81 17.93 4.43 -23.04
CA ARG C 81 18.82 3.91 -24.07
C ARG C 81 20.20 4.48 -23.81
N PRO C 82 21.26 3.79 -24.23
CA PRO C 82 22.62 4.34 -24.03
C PRO C 82 22.80 5.73 -24.64
N ASP C 83 22.13 6.01 -25.78
CA ASP C 83 22.31 7.32 -26.42
C ASP C 83 21.33 8.40 -25.96
N ASN C 84 20.48 8.13 -24.96
CA ASN C 84 19.55 9.16 -24.48
C ASN C 84 19.65 9.40 -22.97
N MET C 85 20.64 8.79 -22.28
CA MET C 85 20.82 8.93 -20.83
C MET C 85 20.84 10.35 -20.29
N SER C 86 21.31 11.34 -21.08
CA SER C 86 21.32 12.73 -20.60
C SER C 86 19.89 13.29 -20.37
N GLU C 87 18.89 12.73 -21.05
CA GLU C 87 17.50 13.16 -20.86
C GLU C 87 16.85 12.49 -19.61
N TYR C 88 17.59 11.58 -18.92
CA TYR C 88 17.07 10.83 -17.78
C TYR C 88 18.00 10.80 -16.55
N SER C 89 18.85 11.82 -16.36
CA SER C 89 19.77 11.82 -15.21
C SER C 89 19.05 11.74 -13.85
N LYS C 90 17.92 12.44 -13.70
CA LYS C 90 17.17 12.39 -12.45
C LYS C 90 16.54 11.02 -12.24
N GLN C 91 15.94 10.43 -13.29
CA GLN C 91 15.33 9.11 -13.15
C GLN C 91 16.38 8.02 -12.90
N MET C 92 17.60 8.18 -13.44
CA MET C 92 18.66 7.18 -13.19
C MET C 92 19.01 7.16 -11.67
N GLN C 93 19.00 8.32 -11.04
CA GLN C 93 19.30 8.41 -9.61
C GLN C 93 18.13 7.79 -8.81
N ARG C 94 16.89 8.13 -9.19
CA ARG C 94 15.70 7.62 -8.52
C ARG C 94 15.59 6.09 -8.60
N PHE C 95 15.92 5.53 -9.76
CA PHE C 95 15.76 4.11 -10.00
C PHE C 95 17.06 3.27 -9.85
N ASN C 96 18.15 3.91 -9.38
CA ASN C 96 19.43 3.25 -9.14
C ASN C 96 20.04 2.57 -10.36
N VAL C 97 19.98 3.27 -11.49
CA VAL C 97 20.58 2.74 -12.71
C VAL C 97 21.94 3.44 -12.78
N GLY C 98 23.01 2.65 -12.73
CA GLY C 98 24.38 3.15 -12.73
C GLY C 98 25.40 2.05 -12.95
N GLU C 99 26.48 2.01 -12.14
CA GLU C 99 27.53 1.02 -12.34
C GLU C 99 27.06 -0.43 -12.24
N ASP C 100 26.36 -0.80 -11.16
CA ASP C 100 25.89 -2.17 -11.02
C ASP C 100 24.83 -2.49 -12.03
N CYS C 101 23.90 -1.53 -12.27
CA CYS C 101 22.80 -1.79 -13.18
C CYS C 101 22.88 -0.80 -14.31
N PRO C 102 23.77 -1.07 -15.28
CA PRO C 102 23.95 -0.12 -16.37
C PRO C 102 22.87 -0.15 -17.43
N VAL C 103 22.89 0.89 -18.28
CA VAL C 103 21.99 0.98 -19.40
C VAL C 103 22.71 0.31 -20.56
N PHE C 104 22.12 -0.72 -21.14
CA PHE C 104 22.72 -1.40 -22.28
C PHE C 104 21.70 -1.62 -23.40
N ASP C 105 22.19 -1.86 -24.64
CA ASP C 105 21.30 -2.10 -25.77
C ASP C 105 20.39 -3.30 -25.54
N GLY C 106 19.09 -3.08 -25.72
CA GLY C 106 18.09 -4.12 -25.55
C GLY C 106 17.80 -4.48 -24.10
N LEU C 107 18.15 -3.59 -23.15
CA LEU C 107 17.88 -3.83 -21.71
C LEU C 107 16.45 -4.32 -21.43
N PHE C 108 15.45 -3.60 -21.95
CA PHE C 108 14.06 -3.97 -21.73
C PHE C 108 13.74 -5.34 -22.26
N GLU C 109 14.19 -5.65 -23.50
CA GLU C 109 13.95 -6.97 -24.09
C GLU C 109 14.59 -8.08 -23.24
N PHE C 110 15.78 -7.82 -22.67
CA PHE C 110 16.44 -8.79 -21.78
C PHE C 110 15.55 -9.06 -20.56
N CYS C 111 14.99 -8.00 -19.95
CA CYS C 111 14.06 -8.13 -18.80
C CYS C 111 12.81 -8.91 -19.21
N GLN C 112 12.31 -8.67 -20.43
CA GLN C 112 11.12 -9.34 -20.91
C GLN C 112 11.34 -10.83 -21.10
N LEU C 113 12.50 -11.22 -21.59
CA LEU C 113 12.79 -12.63 -21.84
C LEU C 113 13.10 -13.38 -20.55
N SER C 114 13.88 -12.73 -19.66
CA SER C 114 14.20 -13.31 -18.36
C SER C 114 12.91 -13.55 -17.56
N THR C 115 12.03 -12.54 -17.51
CA THR C 115 10.78 -12.63 -16.79
C THR C 115 9.78 -13.57 -17.47
N GLY C 116 9.70 -13.49 -18.80
CA GLY C 116 8.80 -14.34 -19.56
C GLY C 116 8.97 -15.83 -19.29
N GLY C 117 10.20 -16.27 -19.16
CA GLY C 117 10.47 -17.68 -18.88
C GLY C 117 10.00 -18.09 -17.50
N SER C 118 10.23 -17.22 -16.50
CA SER C 118 9.82 -17.55 -15.14
C SER C 118 8.29 -17.59 -14.99
N VAL C 119 7.60 -16.58 -15.55
CA VAL C 119 6.15 -16.54 -15.47
C VAL C 119 5.54 -17.70 -16.25
N ALA C 120 6.07 -18.00 -17.44
CA ALA C 120 5.58 -19.12 -18.25
C ALA C 120 5.76 -20.44 -17.50
N GLY C 121 6.89 -20.61 -16.81
CA GLY C 121 7.13 -21.81 -16.01
C GLY C 121 6.11 -21.94 -14.89
N ALA C 122 5.80 -20.82 -14.23
CA ALA C 122 4.80 -20.84 -13.15
C ALA C 122 3.43 -21.20 -13.70
N VAL C 123 3.07 -20.67 -14.88
CA VAL C 123 1.76 -21.00 -15.48
C VAL C 123 1.70 -22.50 -15.79
N LYS C 124 2.79 -23.04 -16.33
CA LYS C 124 2.88 -24.46 -16.67
C LYS C 124 2.67 -25.34 -15.42
N LEU C 125 3.30 -24.97 -14.30
CA LEU C 125 3.15 -25.69 -13.03
C LEU C 125 1.72 -25.56 -12.51
N ASN C 126 1.12 -24.36 -12.62
CA ASN C 126 -0.25 -24.11 -12.17
C ASN C 126 -1.24 -25.00 -12.94
N ARG C 127 -1.04 -25.12 -14.24
CA ARG C 127 -1.91 -25.95 -15.08
C ARG C 127 -1.67 -27.45 -14.95
N GLN C 128 -0.71 -27.87 -14.09
CA GLN C 128 -0.33 -29.26 -13.86
C GLN C 128 0.15 -29.95 -15.14
N GLN C 129 0.80 -29.18 -16.02
CA GLN C 129 1.33 -29.72 -17.26
C GLN C 129 2.82 -30.07 -17.19
N THR C 130 3.45 -29.92 -16.00
CA THR C 130 4.84 -30.26 -15.75
C THR C 130 5.08 -30.41 -14.24
N ASP C 131 6.14 -31.14 -13.89
CA ASP C 131 6.54 -31.32 -12.49
C ASP C 131 7.62 -30.28 -12.15
N MET C 132 8.51 -29.98 -13.13
CA MET C 132 9.58 -29.01 -12.99
C MET C 132 9.61 -28.09 -14.20
N ALA C 133 9.92 -26.82 -13.96
CA ALA C 133 10.08 -25.82 -15.01
C ALA C 133 11.44 -25.19 -14.72
N VAL C 134 12.29 -25.04 -15.74
CA VAL C 134 13.64 -24.50 -15.58
C VAL C 134 13.80 -23.25 -16.40
N ASN C 135 14.32 -22.16 -15.79
CA ASN C 135 14.58 -20.92 -16.52
C ASN C 135 15.92 -20.37 -16.03
N TRP C 136 17.04 -20.80 -16.68
CA TRP C 136 18.35 -20.32 -16.22
C TRP C 136 18.56 -18.82 -16.44
N ALA C 137 17.77 -18.18 -17.30
CA ALA C 137 17.88 -16.73 -17.49
C ALA C 137 17.17 -15.91 -16.40
N GLY C 138 16.44 -16.57 -15.51
CA GLY C 138 15.73 -15.89 -14.43
C GLY C 138 16.50 -15.95 -13.11
N GLY C 139 15.83 -15.63 -12.03
CA GLY C 139 16.45 -15.65 -10.69
C GLY C 139 17.06 -14.32 -10.28
N LEU C 140 16.58 -13.22 -10.88
CA LEU C 140 17.11 -11.89 -10.62
C LEU C 140 16.49 -11.28 -9.35
N HIS C 141 16.88 -11.89 -8.23
CA HIS C 141 16.31 -11.65 -6.90
C HIS C 141 16.52 -10.29 -6.23
N HIS C 142 17.38 -9.39 -6.75
CA HIS C 142 17.58 -8.10 -6.05
C HIS C 142 16.65 -7.00 -6.50
N ALA C 143 16.02 -7.13 -7.68
CA ALA C 143 15.18 -6.03 -8.18
C ALA C 143 14.05 -5.69 -7.22
N LYS C 144 13.84 -4.38 -7.02
CA LYS C 144 12.82 -3.86 -6.09
C LYS C 144 11.63 -3.25 -6.84
N LYS C 145 10.54 -2.92 -6.12
CA LYS C 145 9.33 -2.37 -6.78
C LYS C 145 9.64 -1.21 -7.72
N SER C 146 10.48 -0.28 -7.25
CA SER C 146 10.83 0.89 -8.04
C SER C 146 12.32 1.18 -8.03
N GLU C 147 13.13 0.12 -8.12
CA GLU C 147 14.58 0.32 -8.11
C GLU C 147 15.28 -0.89 -8.67
N ALA C 148 16.28 -0.66 -9.52
CA ALA C 148 17.13 -1.72 -10.01
C ALA C 148 18.18 -1.94 -8.89
N SER C 149 18.72 -3.17 -8.79
CA SER C 149 19.72 -3.43 -7.77
C SER C 149 20.53 -4.66 -8.11
N GLY C 150 21.83 -4.63 -7.82
CA GLY C 150 22.67 -5.81 -7.99
C GLY C 150 22.53 -6.59 -9.27
N PHE C 151 22.64 -5.87 -10.40
CA PHE C 151 22.57 -6.41 -11.75
C PHE C 151 21.17 -6.84 -12.18
N CYS C 152 20.13 -6.62 -11.33
CA CYS C 152 18.74 -7.01 -11.55
C CYS C 152 17.89 -5.77 -11.80
N TYR C 153 16.95 -5.86 -12.76
CA TYR C 153 16.09 -4.72 -13.07
C TYR C 153 14.64 -5.11 -12.83
N VAL C 154 14.22 -6.28 -13.29
CA VAL C 154 12.85 -6.75 -13.11
C VAL C 154 12.89 -8.04 -12.28
N ASN C 155 12.11 -8.10 -11.21
CA ASN C 155 12.12 -9.26 -10.33
C ASN C 155 11.24 -10.35 -10.89
N ASP C 156 11.83 -11.18 -11.77
CA ASP C 156 11.08 -12.28 -12.39
C ASP C 156 10.58 -13.28 -11.34
N ILE C 157 11.31 -13.41 -10.21
CA ILE C 157 10.94 -14.34 -9.14
C ILE C 157 9.65 -13.91 -8.48
N VAL C 158 9.55 -12.63 -8.10
CA VAL C 158 8.34 -12.11 -7.47
C VAL C 158 7.15 -12.26 -8.41
N LEU C 159 7.34 -11.93 -9.69
CA LEU C 159 6.26 -12.09 -10.67
C LEU C 159 5.83 -13.57 -10.83
N ALA C 160 6.79 -14.49 -10.86
CA ALA C 160 6.47 -15.91 -10.97
C ALA C 160 5.73 -16.39 -9.72
N ILE C 161 6.14 -15.92 -8.52
CA ILE C 161 5.48 -16.32 -7.29
C ILE C 161 4.05 -15.76 -7.23
N LEU C 162 3.84 -14.51 -7.68
CA LEU C 162 2.46 -13.97 -7.73
C LEU C 162 1.57 -14.85 -8.62
N GLU C 163 2.12 -15.37 -9.72
CA GLU C 163 1.38 -16.27 -10.61
C GLU C 163 1.09 -17.60 -9.88
N LEU C 164 2.10 -18.20 -9.22
CA LEU C 164 1.89 -19.45 -8.46
C LEU C 164 0.85 -19.29 -7.36
N LEU C 165 0.76 -18.09 -6.73
CA LEU C 165 -0.20 -17.88 -5.63
C LEU C 165 -1.66 -17.94 -6.06
N LYS C 166 -1.94 -17.89 -7.37
CA LYS C 166 -3.31 -18.01 -7.86
C LYS C 166 -3.81 -19.46 -7.64
N TYR C 167 -2.90 -20.46 -7.71
CA TYR C 167 -3.23 -21.88 -7.58
C TYR C 167 -2.66 -22.56 -6.33
N HIS C 168 -1.79 -21.89 -5.59
CA HIS C 168 -1.15 -22.46 -4.41
C HIS C 168 -1.30 -21.57 -3.19
N GLN C 169 -1.83 -22.11 -2.07
CA GLN C 169 -2.03 -21.32 -0.85
C GLN C 169 -0.71 -20.90 -0.21
N ARG C 170 0.28 -21.80 -0.25
CA ARG C 170 1.59 -21.54 0.33
C ARG C 170 2.70 -21.88 -0.65
N VAL C 171 3.60 -20.93 -0.90
CA VAL C 171 4.73 -21.15 -1.80
C VAL C 171 6.05 -20.99 -1.03
N LEU C 172 7.01 -21.91 -1.22
CA LEU C 172 8.29 -21.81 -0.54
C LEU C 172 9.33 -21.35 -1.55
N TYR C 173 10.11 -20.33 -1.19
CA TYR C 173 11.19 -19.79 -2.04
C TYR C 173 12.50 -20.11 -1.31
N ILE C 174 13.43 -20.79 -2.00
CA ILE C 174 14.74 -21.14 -1.44
C ILE C 174 15.77 -20.50 -2.34
N ASP C 175 16.75 -19.83 -1.75
CA ASP C 175 17.76 -19.09 -2.51
C ASP C 175 19.17 -19.52 -2.08
N ILE C 176 19.91 -20.20 -2.98
CA ILE C 176 21.27 -20.65 -2.66
C ILE C 176 22.34 -19.81 -3.35
N ASP C 177 21.97 -18.63 -3.90
CA ASP C 177 22.94 -17.68 -4.44
C ASP C 177 23.82 -17.24 -3.24
N ILE C 178 25.07 -16.81 -3.49
CA ILE C 178 25.89 -16.36 -2.35
C ILE C 178 25.38 -15.04 -1.74
N HIS C 179 24.58 -14.26 -2.51
CA HIS C 179 24.05 -12.99 -2.04
C HIS C 179 22.64 -13.15 -1.49
N HIS C 180 22.31 -12.37 -0.45
CA HIS C 180 20.98 -12.43 0.16
C HIS C 180 19.90 -12.09 -0.89
N GLY C 181 18.82 -12.87 -0.92
CA GLY C 181 17.69 -12.64 -1.84
C GLY C 181 16.78 -11.54 -1.30
N ASP C 182 17.32 -10.32 -1.21
CA ASP C 182 16.61 -9.21 -0.60
C ASP C 182 15.33 -8.77 -1.29
N GLY C 183 15.35 -8.68 -2.61
CA GLY C 183 14.16 -8.23 -3.33
C GLY C 183 12.96 -9.15 -3.14
N VAL C 184 13.21 -10.47 -3.13
CA VAL C 184 12.11 -11.43 -2.95
C VAL C 184 11.66 -11.40 -1.49
N GLU C 185 12.63 -11.37 -0.55
CA GLU C 185 12.28 -11.33 0.87
C GLU C 185 11.42 -10.10 1.19
N GLU C 186 11.79 -8.95 0.65
CA GLU C 186 11.06 -7.70 0.89
C GLU C 186 9.64 -7.77 0.30
N ALA C 187 9.51 -8.29 -0.92
CA ALA C 187 8.18 -8.37 -1.56
C ALA C 187 7.17 -9.12 -0.71
N PHE C 188 7.62 -10.19 -0.01
CA PHE C 188 6.71 -11.03 0.76
C PHE C 188 6.94 -10.96 2.28
N TYR C 189 7.67 -9.94 2.76
CA TYR C 189 8.02 -9.83 4.18
C TYR C 189 6.86 -9.85 5.14
N THR C 190 5.70 -9.32 4.70
CA THR C 190 4.55 -9.26 5.60
C THR C 190 3.46 -10.25 5.28
N THR C 191 3.77 -11.32 4.52
CA THR C 191 2.77 -12.34 4.27
C THR C 191 3.22 -13.74 4.71
N ASP C 192 2.26 -14.55 5.11
CA ASP C 192 2.51 -15.95 5.46
C ASP C 192 2.25 -16.88 4.25
N ARG C 193 1.81 -16.34 3.09
CA ARG C 193 1.56 -17.16 1.91
C ARG C 193 2.83 -17.51 1.13
N VAL C 194 3.96 -16.89 1.50
CA VAL C 194 5.25 -17.19 0.92
C VAL C 194 6.26 -17.28 2.06
N MET C 195 7.05 -18.35 2.10
CA MET C 195 8.14 -18.44 3.07
C MET C 195 9.40 -18.22 2.24
N THR C 196 10.28 -17.29 2.65
CA THR C 196 11.54 -17.07 1.90
C THR C 196 12.68 -17.61 2.74
N VAL C 197 13.57 -18.41 2.16
CA VAL C 197 14.70 -19.00 2.90
C VAL C 197 15.98 -18.70 2.11
N SER C 198 16.90 -17.96 2.70
CA SER C 198 18.12 -17.60 2.01
C SER C 198 19.34 -18.00 2.82
N PHE C 199 20.32 -18.62 2.15
CA PHE C 199 21.62 -19.05 2.70
C PHE C 199 22.59 -18.15 1.94
N HIS C 200 23.37 -17.34 2.66
CA HIS C 200 24.22 -16.37 1.98
C HIS C 200 25.37 -15.87 2.82
N LYS C 201 26.37 -15.28 2.17
CA LYS C 201 27.48 -14.66 2.87
C LYS C 201 26.93 -13.36 3.49
N TYR C 202 27.25 -13.15 4.77
CA TYR C 202 26.79 -11.98 5.51
C TYR C 202 27.95 -11.35 6.27
N GLY C 203 28.09 -10.03 6.16
CA GLY C 203 29.16 -9.30 6.82
C GLY C 203 30.10 -8.69 5.80
N GLU C 204 30.09 -7.35 5.66
CA GLU C 204 30.89 -6.58 4.69
C GLU C 204 30.71 -7.16 3.30
N TYR C 205 29.44 -7.36 2.92
CA TYR C 205 29.14 -8.00 1.65
C TYR C 205 27.77 -7.55 1.15
N PHE C 206 27.67 -7.33 -0.16
CA PHE C 206 26.41 -6.90 -0.78
C PHE C 206 25.33 -7.95 -0.59
N PRO C 207 24.06 -7.56 -0.35
CA PRO C 207 23.52 -6.19 -0.23
C PRO C 207 23.49 -5.63 1.19
N GLY C 208 24.11 -6.34 2.14
CA GLY C 208 24.16 -5.89 3.53
C GLY C 208 22.98 -6.29 4.39
N THR C 209 22.05 -7.06 3.82
CA THR C 209 20.85 -7.50 4.52
C THR C 209 20.84 -9.04 4.74
N GLY C 210 19.80 -9.57 5.38
CA GLY C 210 19.68 -10.99 5.62
C GLY C 210 20.34 -11.40 6.91
N ASP C 211 20.12 -10.58 7.95
CA ASP C 211 20.66 -10.89 9.27
C ASP C 211 19.85 -12.04 9.88
N LEU C 212 20.45 -12.74 10.86
CA LEU C 212 19.76 -13.82 11.56
C LEU C 212 18.40 -13.34 12.16
N ARG C 213 18.35 -12.09 12.65
CA ARG C 213 17.17 -11.50 13.29
C ARG C 213 16.06 -11.06 12.32
N ASP C 214 16.34 -11.07 10.99
CA ASP C 214 15.31 -10.67 10.02
C ASP C 214 14.43 -11.87 9.75
N ILE C 215 13.31 -11.95 10.48
CA ILE C 215 12.41 -13.09 10.39
C ILE C 215 11.01 -12.74 9.87
N GLY C 216 10.80 -11.55 9.36
CA GLY C 216 9.48 -11.16 8.84
C GLY C 216 8.76 -10.21 9.77
N ALA C 217 7.60 -9.69 9.30
CA ALA C 217 6.80 -8.77 10.14
C ALA C 217 5.30 -8.98 9.89
N GLY C 218 4.46 -8.55 10.84
CA GLY C 218 3.02 -8.75 10.74
C GLY C 218 2.67 -10.22 10.63
N LYS C 219 1.75 -10.57 9.72
CA LYS C 219 1.39 -11.98 9.50
C LYS C 219 2.60 -12.80 8.97
N GLY C 220 3.61 -12.12 8.42
CA GLY C 220 4.79 -12.79 7.91
C GLY C 220 5.85 -13.03 8.97
N LYS C 221 5.57 -12.73 10.26
CA LYS C 221 6.57 -12.98 11.32
C LYS C 221 6.80 -14.48 11.40
N TYR C 222 8.07 -14.89 11.28
CA TYR C 222 8.54 -16.27 11.23
C TYR C 222 8.50 -16.88 9.82
N TYR C 223 8.07 -16.10 8.79
CA TYR C 223 8.01 -16.63 7.43
C TYR C 223 9.16 -16.15 6.55
N ALA C 224 10.20 -15.53 7.13
CA ALA C 224 11.42 -15.15 6.42
C ALA C 224 12.54 -15.84 7.23
N VAL C 225 13.41 -16.57 6.54
CA VAL C 225 14.48 -17.31 7.20
C VAL C 225 15.79 -16.93 6.54
N ASN C 226 16.78 -16.58 7.36
CA ASN C 226 18.09 -16.19 6.85
C ASN C 226 19.17 -16.95 7.55
N PHE C 227 20.09 -17.55 6.77
CA PHE C 227 21.21 -18.29 7.35
C PHE C 227 22.47 -17.52 6.92
N PRO C 228 22.93 -16.59 7.79
CA PRO C 228 24.12 -15.81 7.47
C PRO C 228 25.38 -16.67 7.62
N MET C 229 26.23 -16.64 6.60
CA MET C 229 27.46 -17.43 6.55
C MET C 229 28.71 -16.56 6.38
N ARG C 230 29.86 -17.14 6.76
CA ARG C 230 31.16 -16.51 6.61
C ARG C 230 31.89 -17.12 5.39
N ASP C 231 33.07 -16.62 5.04
CA ASP C 231 33.81 -17.14 3.87
C ASP C 231 34.16 -18.62 3.98
N GLY C 232 34.39 -19.24 2.84
CA GLY C 232 34.88 -20.60 2.74
C GLY C 232 34.04 -21.80 3.10
N ILE C 233 32.70 -21.65 3.19
CA ILE C 233 31.86 -22.82 3.49
C ILE C 233 32.06 -23.92 2.43
N ASP C 234 32.16 -25.18 2.87
CA ASP C 234 32.40 -26.29 1.97
C ASP C 234 31.18 -27.23 1.83
N ASP C 235 31.27 -28.24 0.96
CA ASP C 235 30.19 -29.18 0.71
C ASP C 235 29.66 -29.83 1.98
N GLU C 236 30.56 -30.32 2.84
CA GLU C 236 30.16 -30.97 4.09
C GLU C 236 29.38 -30.03 5.00
N SER C 237 29.94 -28.85 5.29
CA SER C 237 29.29 -27.89 6.19
C SER C 237 27.97 -27.38 5.66
N TYR C 238 27.93 -27.07 4.36
CA TYR C 238 26.69 -26.54 3.75
C TYR C 238 25.61 -27.63 3.73
N GLY C 239 25.97 -28.84 3.35
CA GLY C 239 25.04 -29.96 3.30
C GLY C 239 24.47 -30.32 4.65
N GLN C 240 25.28 -30.19 5.72
CA GLN C 240 24.83 -30.49 7.09
C GLN C 240 23.81 -29.49 7.62
N ILE C 241 23.67 -28.31 6.97
CA ILE C 241 22.68 -27.36 7.45
C ILE C 241 21.52 -27.25 6.46
N PHE C 242 21.78 -27.40 5.13
CA PHE C 242 20.72 -27.27 4.14
C PHE C 242 19.62 -28.32 4.32
N LYS C 243 19.98 -29.62 4.39
CA LYS C 243 18.97 -30.66 4.53
C LYS C 243 18.14 -30.54 5.82
N PRO C 244 18.75 -30.42 7.01
CA PRO C 244 17.92 -30.31 8.23
C PRO C 244 17.01 -29.08 8.24
N ILE C 245 17.51 -27.91 7.79
CA ILE C 245 16.73 -26.68 7.76
C ILE C 245 15.57 -26.83 6.80
N ILE C 246 15.85 -27.25 5.55
CA ILE C 246 14.77 -27.42 4.56
C ILE C 246 13.76 -28.50 4.98
N SER C 247 14.22 -29.59 5.62
CA SER C 247 13.29 -30.63 6.08
C SER C 247 12.35 -30.05 7.16
N LYS C 248 12.88 -29.24 8.07
CA LYS C 248 12.07 -28.62 9.14
C LYS C 248 11.09 -27.60 8.52
N VAL C 249 11.56 -26.83 7.52
CA VAL C 249 10.69 -25.88 6.83
C VAL C 249 9.52 -26.63 6.15
N MET C 250 9.81 -27.72 5.44
CA MET C 250 8.79 -28.51 4.74
C MET C 250 7.77 -29.06 5.73
N GLU C 251 8.25 -29.55 6.87
CA GLU C 251 7.40 -30.12 7.91
C GLU C 251 6.43 -29.07 8.51
N MET C 252 6.97 -27.90 8.91
CA MET C 252 6.21 -26.82 9.55
C MET C 252 5.33 -26.03 8.61
N TYR C 253 5.85 -25.70 7.42
CA TYR C 253 5.15 -24.86 6.47
C TYR C 253 4.25 -25.59 5.49
N GLN C 254 4.61 -26.83 5.11
CA GLN C 254 3.83 -27.62 4.17
C GLN C 254 3.44 -26.85 2.88
N PRO C 255 4.44 -26.37 2.13
CA PRO C 255 4.13 -25.63 0.89
C PRO C 255 3.59 -26.53 -0.21
N SER C 256 2.84 -25.96 -1.17
CA SER C 256 2.34 -26.77 -2.29
C SER C 256 3.11 -26.52 -3.60
N ALA C 257 4.08 -25.57 -3.59
CA ALA C 257 4.94 -25.30 -4.74
C ALA C 257 6.23 -24.70 -4.20
N VAL C 258 7.34 -24.91 -4.92
CA VAL C 258 8.65 -24.41 -4.51
C VAL C 258 9.32 -23.71 -5.65
N VAL C 259 10.02 -22.61 -5.34
CA VAL C 259 10.82 -21.87 -6.30
C VAL C 259 12.23 -21.91 -5.74
N LEU C 260 13.18 -22.43 -6.52
CA LEU C 260 14.55 -22.54 -6.08
C LEU C 260 15.46 -21.68 -6.98
N GLN C 261 16.11 -20.68 -6.39
CA GLN C 261 17.04 -19.79 -7.08
C GLN C 261 18.39 -20.51 -6.92
N CYS C 262 19.00 -20.90 -8.05
CA CYS C 262 20.24 -21.68 -8.10
C CYS C 262 21.48 -20.87 -8.45
N GLY C 263 21.61 -19.67 -7.90
CA GLY C 263 22.76 -18.80 -8.14
C GLY C 263 24.08 -19.54 -7.96
N ALA C 264 24.87 -19.61 -9.03
CA ALA C 264 26.10 -20.39 -9.04
C ALA C 264 27.33 -19.67 -8.51
N ASP C 265 27.16 -18.47 -7.94
CA ASP C 265 28.25 -17.72 -7.36
C ASP C 265 28.66 -18.23 -5.96
N SER C 266 27.95 -19.25 -5.46
CA SER C 266 28.30 -19.90 -4.19
C SER C 266 29.35 -21.02 -4.49
N LEU C 267 29.79 -21.21 -5.76
CA LEU C 267 30.77 -22.24 -6.09
C LEU C 267 32.17 -21.75 -5.81
N SER C 268 33.07 -22.70 -5.55
CA SER C 268 34.49 -22.41 -5.37
C SER C 268 35.03 -21.77 -6.68
N GLY C 269 35.92 -20.80 -6.55
CA GLY C 269 36.53 -20.16 -7.71
C GLY C 269 35.69 -19.10 -8.40
N ASP C 270 34.53 -18.72 -7.80
CA ASP C 270 33.71 -17.67 -8.42
C ASP C 270 34.41 -16.31 -8.37
N ARG C 271 34.31 -15.50 -9.45
CA ARG C 271 34.97 -14.21 -9.50
C ARG C 271 34.53 -13.21 -8.40
N LEU C 272 33.26 -13.29 -7.99
CA LEU C 272 32.75 -12.38 -6.97
C LEU C 272 32.49 -13.07 -5.62
N GLY C 273 32.25 -14.37 -5.65
CA GLY C 273 31.94 -15.12 -4.44
C GLY C 273 33.15 -15.60 -3.64
N CYS C 274 32.91 -15.95 -2.37
CA CYS C 274 33.95 -16.40 -1.46
C CYS C 274 33.57 -17.71 -0.75
N PHE C 275 32.74 -18.55 -1.38
CA PHE C 275 32.35 -19.84 -0.82
C PHE C 275 33.21 -20.92 -1.49
N ASN C 276 33.15 -22.18 -0.98
CA ASN C 276 33.98 -23.25 -1.53
C ASN C 276 33.20 -24.50 -1.93
N LEU C 277 31.99 -24.34 -2.46
CA LEU C 277 31.19 -25.49 -2.88
C LEU C 277 31.65 -26.06 -4.21
N THR C 278 31.45 -27.36 -4.41
CA THR C 278 31.72 -27.96 -5.72
C THR C 278 30.35 -28.02 -6.44
N VAL C 279 30.32 -28.38 -7.73
CA VAL C 279 29.07 -28.52 -8.47
C VAL C 279 28.19 -29.58 -7.79
N LYS C 280 28.81 -30.68 -7.29
CA LYS C 280 28.05 -31.71 -6.59
C LYS C 280 27.45 -31.18 -5.27
N GLY C 281 28.19 -30.33 -4.57
CA GLY C 281 27.71 -29.76 -3.31
C GLY C 281 26.56 -28.80 -3.53
N HIS C 282 26.64 -28.01 -4.61
CA HIS C 282 25.59 -27.06 -4.96
C HIS C 282 24.35 -27.87 -5.42
N ALA C 283 24.54 -28.86 -6.35
CA ALA C 283 23.45 -29.68 -6.88
C ALA C 283 22.75 -30.54 -5.84
N LYS C 284 23.43 -30.83 -4.70
CA LYS C 284 22.80 -31.60 -3.62
C LYS C 284 21.53 -30.83 -3.12
N CYS C 285 21.54 -29.48 -3.22
CA CYS C 285 20.38 -28.69 -2.82
C CYS C 285 19.19 -29.01 -3.70
N VAL C 286 19.42 -29.16 -5.02
CA VAL C 286 18.35 -29.51 -5.94
C VAL C 286 17.83 -30.91 -5.62
N GLU C 287 18.74 -31.85 -5.35
CA GLU C 287 18.38 -33.22 -5.02
C GLU C 287 17.49 -33.27 -3.77
N VAL C 288 17.88 -32.54 -2.71
CA VAL C 288 17.12 -32.51 -1.48
C VAL C 288 15.72 -31.96 -1.71
N VAL C 289 15.62 -30.84 -2.46
CA VAL C 289 14.32 -30.23 -2.74
C VAL C 289 13.42 -31.19 -3.52
N LYS C 290 13.98 -31.92 -4.49
CA LYS C 290 13.22 -32.88 -5.29
C LYS C 290 12.59 -34.02 -4.47
N THR C 291 13.21 -34.40 -3.33
CA THR C 291 12.65 -35.49 -2.50
C THR C 291 11.26 -35.20 -1.94
N PHE C 292 10.87 -33.93 -1.88
CA PHE C 292 9.55 -33.57 -1.36
C PHE C 292 8.42 -33.71 -2.40
N ASN C 293 8.76 -34.02 -3.66
CA ASN C 293 7.77 -34.24 -4.74
C ASN C 293 6.75 -33.11 -4.91
N LEU C 294 7.20 -31.86 -4.90
CA LEU C 294 6.30 -30.72 -5.08
C LEU C 294 6.58 -30.03 -6.41
N PRO C 295 5.57 -29.35 -7.00
CA PRO C 295 5.83 -28.55 -8.24
C PRO C 295 7.01 -27.61 -7.96
N LEU C 296 8.00 -27.61 -8.86
CA LEU C 296 9.24 -26.88 -8.65
C LEU C 296 9.67 -26.03 -9.83
N LEU C 297 9.94 -24.75 -9.56
CA LEU C 297 10.42 -23.82 -10.58
C LEU C 297 11.89 -23.56 -10.23
N MET C 298 12.82 -23.99 -11.10
CA MET C 298 14.26 -23.83 -10.90
C MET C 298 14.74 -22.63 -11.71
N LEU C 299 15.40 -21.68 -11.06
CA LEU C 299 15.85 -20.46 -11.74
C LEU C 299 17.35 -20.26 -11.59
N GLY C 300 17.92 -19.40 -12.42
CA GLY C 300 19.33 -19.07 -12.34
C GLY C 300 19.59 -18.04 -11.26
N GLY C 301 20.52 -17.14 -11.53
CA GLY C 301 20.90 -16.09 -10.60
C GLY C 301 22.33 -15.70 -10.87
N GLY C 302 23.11 -15.44 -9.83
CA GLY C 302 24.50 -15.07 -10.00
C GLY C 302 25.36 -16.21 -10.53
N GLY C 303 26.64 -15.93 -10.70
CA GLY C 303 27.60 -16.91 -11.23
C GLY C 303 28.47 -16.12 -12.18
N TYR C 304 29.74 -15.92 -11.82
CA TYR C 304 30.64 -15.03 -12.55
C TYR C 304 31.89 -15.71 -13.12
N THR C 305 32.13 -17.00 -12.85
CA THR C 305 33.23 -17.74 -13.52
C THR C 305 32.36 -18.55 -14.46
N ILE C 306 32.10 -18.01 -15.65
CA ILE C 306 31.10 -18.59 -16.55
C ILE C 306 31.36 -20.03 -16.97
N ARG C 307 32.63 -20.51 -17.01
CA ARG C 307 32.83 -21.92 -17.36
C ARG C 307 32.26 -22.83 -16.25
N ASN C 308 32.30 -22.36 -14.99
CA ASN C 308 31.77 -23.13 -13.86
C ASN C 308 30.25 -23.02 -13.78
N VAL C 309 29.67 -21.88 -14.20
CA VAL C 309 28.21 -21.71 -14.23
C VAL C 309 27.64 -22.72 -15.23
N ALA C 310 28.28 -22.83 -16.41
CA ALA C 310 27.85 -23.76 -17.44
C ALA C 310 27.85 -25.21 -16.90
N ARG C 311 28.90 -25.60 -16.20
CA ARG C 311 28.97 -26.94 -15.60
C ARG C 311 27.88 -27.14 -14.54
N CYS C 312 27.72 -26.17 -13.63
CA CYS C 312 26.75 -26.21 -12.55
C CYS C 312 25.32 -26.37 -13.05
N TRP C 313 24.87 -25.49 -13.95
CA TRP C 313 23.48 -25.55 -14.42
C TRP C 313 23.26 -26.74 -15.36
N THR C 314 24.33 -27.22 -16.06
CA THR C 314 24.17 -28.42 -16.88
C THR C 314 23.92 -29.61 -15.93
N TYR C 315 24.71 -29.70 -14.87
CA TYR C 315 24.55 -30.80 -13.91
C TYR C 315 23.21 -30.73 -13.19
N GLU C 316 22.78 -29.51 -12.83
CA GLU C 316 21.49 -29.34 -12.15
C GLU C 316 20.30 -29.67 -13.07
N THR C 317 20.46 -29.50 -14.39
CA THR C 317 19.41 -29.87 -15.34
C THR C 317 19.36 -31.42 -15.39
N ALA C 318 20.54 -32.09 -15.35
CA ALA C 318 20.63 -33.56 -15.33
C ALA C 318 19.98 -34.09 -14.04
N VAL C 319 20.17 -33.38 -12.89
CA VAL C 319 19.55 -33.77 -11.60
C VAL C 319 18.04 -33.68 -11.75
N ALA C 320 17.53 -32.57 -12.34
CA ALA C 320 16.07 -32.42 -12.55
C ALA C 320 15.51 -33.58 -13.39
N LEU C 321 16.26 -34.01 -14.40
CA LEU C 321 15.84 -35.12 -15.26
C LEU C 321 16.16 -36.51 -14.66
N ASP C 322 16.85 -36.58 -13.50
CA ASP C 322 17.28 -37.84 -12.87
C ASP C 322 18.09 -38.67 -13.90
N CYS C 323 18.97 -37.98 -14.63
CA CYS C 323 19.79 -38.60 -15.67
CA CYS C 323 19.79 -38.58 -15.67
C CYS C 323 21.27 -38.50 -15.31
N GLU C 324 21.95 -39.65 -15.24
CA GLU C 324 23.38 -39.63 -14.95
C GLU C 324 24.09 -39.15 -16.21
N ILE C 325 25.09 -38.28 -16.05
CA ILE C 325 25.88 -37.80 -17.17
C ILE C 325 27.36 -37.99 -16.85
N PRO C 326 28.18 -38.38 -17.84
CA PRO C 326 29.61 -38.60 -17.57
C PRO C 326 30.39 -37.35 -17.20
N ASN C 327 31.47 -37.53 -16.42
CA ASN C 327 32.36 -36.46 -16.02
C ASN C 327 33.10 -35.90 -17.25
N GLU C 328 33.33 -36.72 -18.28
CA GLU C 328 34.01 -36.28 -19.48
C GLU C 328 33.01 -35.42 -20.29
N LEU C 329 33.35 -34.14 -20.51
CA LEU C 329 32.46 -33.26 -21.26
C LEU C 329 32.35 -33.71 -22.69
N PRO C 330 31.15 -33.65 -23.27
CA PRO C 330 31.01 -34.00 -24.68
C PRO C 330 31.60 -32.85 -25.52
N TYR C 331 31.75 -33.09 -26.83
CA TYR C 331 32.21 -32.05 -27.73
C TYR C 331 31.10 -30.96 -27.76
N ASN C 332 31.48 -29.68 -27.80
CA ASN C 332 30.50 -28.61 -27.83
C ASN C 332 31.11 -27.35 -28.46
N ASP C 333 30.27 -26.35 -28.77
CA ASP C 333 30.68 -25.08 -29.38
C ASP C 333 31.71 -24.30 -28.56
N TYR C 334 31.83 -24.60 -27.26
CA TYR C 334 32.77 -23.88 -26.38
C TYR C 334 33.76 -24.82 -25.72
N PHE C 335 34.01 -26.00 -26.33
CA PHE C 335 34.89 -27.04 -25.82
C PHE C 335 36.22 -26.51 -25.28
N GLU C 336 36.87 -25.64 -26.05
CA GLU C 336 38.15 -25.03 -25.70
C GLU C 336 38.13 -24.31 -24.34
N TYR C 337 36.99 -23.67 -23.99
CA TYR C 337 36.82 -22.91 -22.73
C TYR C 337 36.97 -23.82 -21.48
N PHE C 338 36.79 -25.14 -21.62
CA PHE C 338 36.88 -26.05 -20.49
C PHE C 338 38.21 -26.78 -20.32
N GLY C 339 39.24 -26.33 -21.02
CA GLY C 339 40.56 -26.93 -20.95
C GLY C 339 41.33 -26.64 -19.68
N PRO C 340 42.42 -27.38 -19.39
CA PRO C 340 43.02 -28.46 -20.17
C PRO C 340 42.50 -29.87 -19.86
N ASP C 341 41.64 -30.03 -18.83
CA ASP C 341 41.13 -31.36 -18.47
C ASP C 341 39.78 -31.71 -19.07
N PHE C 342 38.98 -30.69 -19.43
CA PHE C 342 37.68 -30.92 -20.07
C PHE C 342 36.72 -31.82 -19.28
N LYS C 343 36.63 -31.59 -17.95
CA LYS C 343 35.72 -32.36 -17.09
C LYS C 343 34.56 -31.50 -16.59
N LEU C 344 33.45 -32.14 -16.22
CA LEU C 344 32.25 -31.47 -15.72
C LEU C 344 32.43 -31.03 -14.26
N HIS C 345 33.04 -31.89 -13.43
CA HIS C 345 33.17 -31.59 -12.02
C HIS C 345 34.45 -30.85 -11.65
N ILE C 346 34.35 -30.02 -10.63
CA ILE C 346 35.46 -29.20 -10.17
C ILE C 346 35.91 -29.62 -8.78
N SER C 347 37.16 -29.30 -8.46
CA SER C 347 37.71 -29.61 -7.14
C SER C 347 37.62 -28.33 -6.32
N PRO C 348 37.33 -28.44 -5.01
CA PRO C 348 37.31 -27.24 -4.18
C PRO C 348 38.73 -26.70 -4.00
N SER C 349 38.84 -25.45 -3.60
CA SER C 349 40.14 -24.83 -3.33
C SER C 349 40.57 -25.17 -1.89
N ASN C 350 41.76 -24.74 -1.47
CA ASN C 350 42.23 -24.98 -0.12
C ASN C 350 41.91 -23.80 0.81
N MET C 351 40.95 -22.92 0.44
CA MET C 351 40.62 -21.77 1.28
C MET C 351 40.10 -22.23 2.64
N THR C 352 40.35 -21.42 3.66
CA THR C 352 39.92 -21.73 5.01
C THR C 352 38.42 -21.52 5.17
N ASN C 353 37.73 -22.48 5.80
CA ASN C 353 36.31 -22.38 6.05
C ASN C 353 36.21 -21.57 7.37
N GLN C 354 35.73 -20.32 7.28
CA GLN C 354 35.64 -19.44 8.44
C GLN C 354 34.39 -19.69 9.30
N ASN C 355 33.52 -20.64 8.91
CA ASN C 355 32.31 -21.00 9.64
C ASN C 355 32.70 -22.12 10.59
N THR C 356 32.87 -21.79 11.85
CA THR C 356 33.24 -22.81 12.81
C THR C 356 32.04 -23.72 13.11
N PRO C 357 32.28 -24.96 13.56
CA PRO C 357 31.16 -25.82 13.97
C PRO C 357 30.27 -25.14 15.03
N GLU C 358 30.89 -24.42 15.99
CA GLU C 358 30.14 -23.71 17.03
C GLU C 358 29.20 -22.65 16.40
N TYR C 359 29.74 -21.89 15.45
CA TYR C 359 28.96 -20.83 14.79
C TYR C 359 27.77 -21.44 14.04
N MET C 360 28.03 -22.46 13.24
CA MET C 360 26.98 -23.12 12.47
CA MET C 360 26.98 -23.12 12.47
C MET C 360 25.89 -23.72 13.35
N GLU C 361 26.30 -24.36 14.48
CA GLU C 361 25.31 -24.96 15.37
C GLU C 361 24.44 -23.88 16.01
N LYS C 362 25.03 -22.72 16.36
CA LYS C 362 24.29 -21.60 16.97
C LYS C 362 23.21 -21.07 16.00
N ILE C 363 23.57 -20.90 14.73
CA ILE C 363 22.60 -20.40 13.74
C ILE C 363 21.51 -21.44 13.51
N LYS C 364 21.90 -22.71 13.31
CA LYS C 364 20.93 -23.78 13.08
C LYS C 364 19.94 -23.89 14.26
N GLN C 365 20.44 -23.77 15.51
CA GLN C 365 19.54 -23.85 16.67
C GLN C 365 18.55 -22.70 16.70
N ARG C 366 19.01 -21.49 16.34
CA ARG C 366 18.11 -20.33 16.31
C ARG C 366 17.04 -20.52 15.25
N LEU C 367 17.43 -21.01 14.05
CA LEU C 367 16.44 -21.21 12.99
C LEU C 367 15.40 -22.25 13.39
N PHE C 368 15.84 -23.31 14.08
CA PHE C 368 14.91 -24.34 14.54
C PHE C 368 13.94 -23.75 15.56
N GLU C 369 14.43 -22.88 16.46
CA GLU C 369 13.56 -22.22 17.44
C GLU C 369 12.51 -21.36 16.72
N ASN C 370 12.96 -20.58 15.71
CA ASN C 370 12.05 -19.73 14.93
C ASN C 370 11.01 -20.56 14.17
N LEU C 371 11.43 -21.70 13.60
CA LEU C 371 10.54 -22.59 12.86
C LEU C 371 9.49 -23.24 13.76
N ARG C 372 9.84 -23.48 15.04
CA ARG C 372 8.87 -24.01 16.01
C ARG C 372 7.77 -22.98 16.35
N MET C 373 8.00 -21.68 16.04
CA MET C 373 7.01 -20.63 16.29
C MET C 373 5.91 -20.54 15.23
N LEU C 374 6.00 -21.34 14.14
CA LEU C 374 5.00 -21.40 13.08
C LEU C 374 3.74 -22.14 13.64
N PRO C 375 2.53 -21.92 13.08
CA PRO C 375 1.34 -22.62 13.60
C PRO C 375 1.39 -24.14 13.43
ZN ZN D . 0.00 17.15 19.39
CA CA E . 4.60 14.85 14.24
CA CA F . 13.31 21.83 4.67
S SO4 G . -6.59 46.50 17.13
O1 SO4 G . -5.74 46.69 15.95
O2 SO4 G . -6.83 45.07 17.35
O3 SO4 G . -7.88 47.17 16.94
O4 SO4 G . -5.90 47.07 18.32
S SO4 H . 0.74 10.04 -5.90
O1 SO4 H . 0.81 9.30 -7.18
O2 SO4 H . 0.58 9.14 -4.79
O3 SO4 H . 2.04 10.77 -5.65
O4 SO4 H . -0.32 11.06 -6.03
S SO4 I . 8.81 41.46 9.88
O1 SO4 I . 7.65 41.20 9.01
O2 SO4 I . 9.42 40.18 10.24
O3 SO4 I . 9.79 42.27 9.15
O4 SO4 I . 8.38 42.17 11.08
S SO4 J . -8.31 10.04 31.59
O1 SO4 J . -7.81 10.88 30.50
O2 SO4 J . -7.86 8.66 31.40
O3 SO4 J . -7.81 10.56 32.86
O4 SO4 J . -9.78 10.05 31.59
C1 PEG K . 4.07 32.71 38.09
O1 PEG K . 4.44 32.25 39.37
C2 PEG K . 2.59 32.69 37.92
O2 PEG K . 2.26 32.90 36.56
C3 PEG K . 0.98 32.38 36.22
C4 PEG K . 0.06 33.49 35.84
O4 PEG K . -0.41 34.21 36.97
C1 PEG L . -6.80 9.56 38.75
O1 PEG L . -6.64 9.97 40.10
C2 PEG L . -6.04 8.31 38.45
O2 PEG L . -6.01 8.07 37.05
C3 PEG L . -6.70 6.89 36.67
C4 PEG L . -8.01 7.24 36.03
O4 PEG L . -8.83 6.09 35.82
C1 PEG M . -2.44 22.52 39.54
O1 PEG M . -3.08 21.74 40.54
C2 PEG M . -3.39 23.46 38.90
O2 PEG M . -2.71 24.24 37.93
C3 PEG M . -2.46 25.57 38.35
C4 PEG M . -3.27 26.54 37.54
O4 PEG M . -4.65 26.47 37.85
F V1D N . -10.88 20.43 23.24
C23 V1D N . -10.65 21.76 23.27
C22 V1D N . -11.22 22.48 24.29
C21 V1D N . -10.95 23.84 24.36
C20 V1D N . -10.14 24.43 23.42
C19 V1D N . -9.60 23.68 22.39
C18 V1D N . -9.84 22.31 22.29
C17 V1D N . -9.23 21.53 21.20
C16 V1D N . -9.08 20.19 21.08
N3 V1D N . -8.45 19.98 19.90
N4 V1D N . -8.69 22.16 20.07
C15 V1D N . -8.23 21.17 19.31
C5 V1D N . -7.52 21.35 18.00
N1 V1D N . -8.22 22.38 17.25
C V1D N . -9.06 22.13 16.23
C1 V1D N . -9.66 23.39 15.64
C4 V1D N . -10.80 23.99 16.50
N V1D N . -11.60 24.27 15.20
C3 V1D N . -11.58 25.69 14.77
C2 V1D N . -10.64 23.28 14.45
O V1D N . -9.33 21.01 15.83
C6 V1D N . -6.06 21.79 18.22
C7 V1D N . -5.10 20.69 18.68
C8 V1D N . -3.68 21.21 18.92
C9 V1D N . -2.64 20.14 19.29
C10 V1D N . -1.32 20.79 19.75
C11 V1D N . -0.10 19.89 19.78
O1 V1D N . -0.34 18.79 20.60
O2 V1D N . 0.35 19.50 18.51
C12 V1D N . 0.99 20.74 20.51
N2 V1D N . 2.17 21.00 20.02
O3 V1D N . 2.84 21.79 20.99
C14 V1D N . 2.03 21.97 22.03
C13 V1D N . 0.86 21.34 21.81
ZN ZN O . -25.87 -7.55 -7.43
CA CA P . -27.50 -8.37 -14.42
CA CA Q . -39.08 -4.25 -22.62
S SO4 R . -49.41 1.07 9.80
O1 SO4 R . -50.31 1.14 8.65
O2 SO4 R . -48.20 0.30 9.43
O3 SO4 R . -49.05 2.46 10.23
O4 SO4 R . -50.05 0.39 10.92
S SO4 S . -12.20 -10.21 1.62
O1 SO4 S . -13.60 -10.36 1.17
O2 SO4 S . -11.29 -10.58 0.54
O3 SO4 S . -11.97 -8.81 2.00
O4 SO4 S . -11.97 -11.09 2.78
C1 PEG T . -10.81 -24.17 -4.83
O1 PEG T . -9.51 -24.46 -4.34
C2 PEG T . -10.81 -23.88 -6.30
O2 PEG T . -10.40 -25.02 -7.03
C3 PEG T . -10.88 -25.03 -8.36
C4 PEG T . -10.14 -26.04 -9.18
O4 PEG T . -10.42 -27.36 -8.73
C1 PEG U . -25.59 11.37 6.54
O1 PEG U . -25.60 12.78 6.36
C2 PEG U . -26.65 10.95 7.50
O2 PEG U . -26.37 9.66 8.02
C3 PEG U . -27.09 9.40 9.21
C4 PEG U . -26.18 9.42 10.39
O4 PEG U . -26.89 9.29 11.61
F V1D V . -25.68 -11.46 3.67
C23 V1D V . -26.62 -10.63 4.16
C22 V1D V . -26.42 -10.14 5.43
C21 V1D V . -27.35 -9.26 5.96
C20 V1D V . -28.45 -8.90 5.21
C19 V1D V . -28.63 -9.41 3.94
C18 V1D V . -27.71 -10.29 3.38
C17 V1D V . -27.91 -10.79 2.00
C16 V1D V . -27.04 -11.42 1.16
N3 V1D V . -27.72 -11.71 0.04
N4 V1D V . -29.16 -10.71 1.37
C15 V1D V . -29.00 -11.29 0.18
C5 V1D V . -30.06 -11.41 -0.86
N1 V1D V . -31.31 -11.80 -0.23
C V1D V . -31.78 -13.05 -0.25
C1 V1D V . -33.14 -13.22 0.38
C4 V1D V . -33.22 -14.23 1.56
N V1D V . -34.52 -14.82 0.92
C3 V1D V . -35.77 -14.36 1.57
C2 V1D V . -34.15 -14.09 -0.41
O V1D V . -31.17 -13.99 -0.76
C6 V1D V . -30.26 -10.11 -1.65
C7 V1D V . -29.05 -9.70 -2.51
C8 V1D V . -29.25 -8.33 -3.16
C9 V1D V . -28.22 -7.95 -4.22
C10 V1D V . -28.36 -6.47 -4.64
C11 V1D V . -27.66 -6.07 -5.93
O1 V1D V . -26.29 -6.34 -5.83
O2 V1D V . -28.19 -6.65 -7.09
C12 V1D V . -27.77 -4.51 -5.98
N2 V1D V . -28.26 -3.85 -6.99
O3 V1D V . -28.19 -2.47 -6.64
C14 V1D V . -27.64 -2.38 -5.42
C13 V1D V . -27.36 -3.60 -4.96
ZN ZN W . 24.92 -13.51 -6.26
CA CA X . 7.27 -14.14 3.98
CA CA Y . 20.97 -16.54 -1.00
S SO4 Z . 30.55 -14.81 16.65
O1 SO4 Z . 29.34 -15.61 16.42
O2 SO4 Z . 31.72 -15.64 16.35
O3 SO4 Z . 30.52 -13.64 15.79
O4 SO4 Z . 30.61 -14.37 18.05
S SO4 AA . 35.53 -17.32 -16.89
O1 SO4 AA . 35.03 -18.71 -16.98
O2 SO4 AA . 35.94 -16.88 -18.25
O3 SO4 AA . 36.68 -17.27 -16.00
O4 SO4 AA . 34.49 -16.40 -16.40
S SO4 BA . -3.89 -11.92 -14.96
O1 SO4 BA . -2.89 -11.45 -15.92
O2 SO4 BA . -4.44 -13.20 -15.44
O3 SO4 BA . -4.97 -10.92 -14.88
O4 SO4 BA . -3.28 -12.11 -13.64
S SO4 CA . 6.68 -12.54 -28.08
O1 SO4 CA . 6.50 -13.58 -29.09
O2 SO4 CA . 8.00 -12.70 -27.47
O3 SO4 CA . 6.59 -11.21 -28.71
O4 SO4 CA . 5.63 -12.67 -27.07
C1 PEG DA . -5.67 -18.76 -3.17
O1 PEG DA . -5.51 -18.73 -1.76
C2 PEG DA . -5.06 -19.98 -3.77
O2 PEG DA . -5.82 -21.13 -3.41
C3 PEG DA . -5.45 -22.29 -4.14
C4 PEG DA . -6.17 -23.49 -3.60
O4 PEG DA . -7.56 -23.43 -3.89
C1 PEG EA . 26.28 -3.15 2.28
O1 PEG EA . 27.38 -3.22 3.17
C2 PEG EA . 26.69 -3.41 0.87
O2 PEG EA . 25.57 -3.29 -0.01
C3 PEG EA . 25.24 -1.94 -0.30
C4 PEG EA . 23.97 -1.87 -1.09
O4 PEG EA . 22.87 -2.40 -0.38
F V1D FA . 32.93 -5.89 -9.75
C23 V1D FA . 32.08 -5.08 -10.44
C22 V1D FA . 32.53 -4.55 -11.62
C21 V1D FA . 31.68 -3.71 -12.33
C20 V1D FA . 30.42 -3.45 -11.86
C19 V1D FA . 29.98 -4.00 -10.66
C18 V1D FA . 30.82 -4.83 -9.91
C17 V1D FA . 30.35 -5.39 -8.64
C16 V1D FA . 30.81 -6.43 -7.89
N3 V1D FA . 30.00 -6.53 -6.80
N4 V1D FA . 29.22 -4.84 -8.01
C15 V1D FA . 29.05 -5.58 -6.91
C5 V1D FA . 27.91 -5.42 -5.94
N1 V1D FA . 27.67 -4.01 -5.68
C V1D FA . 28.19 -3.36 -4.64
C1 V1D FA . 27.86 -1.88 -4.59
C4 V1D FA . 28.62 -1.01 -3.55
N V1D FA . 27.27 -0.31 -3.22
C3 V1D FA . 27.06 1.03 -3.85
C2 V1D FA . 26.51 -1.48 -3.94
O V1D FA . 28.89 -3.90 -3.79
C6 V1D FA . 26.65 -6.09 -6.50
C7 V1D FA . 26.70 -7.61 -6.60
C8 V1D FA . 25.48 -8.18 -7.33
C9 V1D FA . 25.26 -9.69 -7.21
C10 V1D FA . 24.08 -10.19 -8.05
C11 V1D FA . 23.65 -11.62 -7.80
O1 V1D FA . 24.71 -12.47 -8.08
O2 V1D FA . 23.16 -11.84 -6.50
C12 V1D FA . 22.54 -11.89 -8.88
N2 V1D FA . 21.34 -12.33 -8.62
O3 V1D FA . 20.68 -12.47 -9.86
C14 V1D FA . 21.53 -12.11 -10.84
C13 V1D FA . 22.69 -11.75 -10.30
#